data_7QA8
#
_entry.id   7QA8
#
_cell.length_a   1.00
_cell.length_b   1.00
_cell.length_c   1.00
_cell.angle_alpha   90.00
_cell.angle_beta   90.00
_cell.angle_gamma   90.00
#
_symmetry.space_group_name_H-M   'P 1'
#
loop_
_entity.id
_entity.type
_entity.pdbx_description
1 polymer 'Pheromone alpha factor receptor'
2 polymer HIS-ALA-LEU-GLN-LEU-LYS-PRO-GLY-GLN-PRO-NLE-TYR
3 non-polymer 2-acetamido-2-deoxy-beta-D-glucopyranose
4 non-polymer 'CHOLESTEROL HEMISUCCINATE'
5 water water
#
loop_
_entity_poly.entity_id
_entity_poly.type
_entity_poly.pdbx_seq_one_letter_code
_entity_poly.pdbx_strand_id
1 'polypeptide(L)'
;MSDAAPSLSNLFYDPTYNPGQSTINYTSIYGNGSTITFDELQGLVNSTVTQAIMFGVRCGAAALTLIVMWMTSRSRKTPI
FIINQVSLFLIILHSALYFKYLLSNYSSVTYALTGFPQFISRGDVHVYGATNIIQVLLVASIETSLVFQIKVIFTGDNFK
RIGLMLTSISFTLGIATVTMYFVSAVKGMIVTYNDVSATQDKYFNASTILLASSINFMSFVLVVKLILAIRSRRFLGLKQ
FDSFHILLIMSCQSLLVPSIIFILAYSLKPNQGTDVLTTVATLLAVLSLPLSSMWATAANNASKTNTITSDFTTSTDRFY
PGTLSSFQTDSINNDAKSSLRSRLYDLYPRRKETTSDKHSERTFVSETADDIEKNQFYQLPTPTSSKNTRIGPFADASYK
EGEVEPVDMYTPDTAADEEARKFWTEDNNNL
;
A,B
2 'polypeptide(L)' HALQLKPGQP(NLE)Y K,I
#
loop_
_chem_comp.id
_chem_comp.type
_chem_comp.name
_chem_comp.formula
NAG D-saccharide, beta linking 2-acetamido-2-deoxy-beta-D-glucopyranose 'C8 H15 N O6'
Y01 non-polymer 'CHOLESTEROL HEMISUCCINATE' 'C31 H50 O4'
#
# COMPACT_ATOMS: atom_id res chain seq x y z
N ALA A 5 -29.21 14.16 24.25
CA ALA A 5 -28.82 15.57 24.27
C ALA A 5 -29.58 16.36 25.33
N PRO A 6 -29.13 16.26 26.59
CA PRO A 6 -29.81 17.02 27.66
C PRO A 6 -29.68 18.54 27.51
N SER A 7 -28.46 19.05 27.42
CA SER A 7 -28.20 20.48 27.31
C SER A 7 -26.78 20.72 26.82
N LEU A 8 -26.63 21.61 25.84
CA LEU A 8 -25.31 21.96 25.33
C LEU A 8 -24.62 22.95 26.27
N SER A 9 -23.30 22.84 26.35
CA SER A 9 -22.52 23.72 27.20
C SER A 9 -22.39 25.10 26.54
N ASN A 10 -21.87 26.06 27.32
CA ASN A 10 -21.71 27.41 26.80
C ASN A 10 -20.55 27.49 25.82
N LEU A 11 -19.58 26.57 25.92
CA LEU A 11 -18.42 26.57 25.04
C LEU A 11 -18.75 26.22 23.60
N PHE A 12 -19.97 25.74 23.34
CA PHE A 12 -20.45 25.53 21.97
C PHE A 12 -20.65 26.85 21.23
N TYR A 13 -20.78 27.96 21.95
CA TYR A 13 -21.03 29.27 21.35
C TYR A 13 -19.80 30.17 21.40
N ASP A 14 -18.62 29.60 21.55
CA ASP A 14 -17.38 30.37 21.59
C ASP A 14 -16.64 30.18 20.27
N PRO A 15 -16.55 31.22 19.43
CA PRO A 15 -15.82 31.08 18.15
C PRO A 15 -14.33 30.79 18.31
N THR A 16 -13.70 31.30 19.37
CA THR A 16 -12.25 31.22 19.52
C THR A 16 -11.81 30.08 20.44
N TYR A 17 -12.74 29.23 20.87
CA TYR A 17 -12.37 28.09 21.72
C TYR A 17 -11.57 27.07 20.91
N ASN A 18 -10.49 26.58 21.51
CA ASN A 18 -9.58 25.66 20.83
C ASN A 18 -9.61 24.30 21.51
N PRO A 19 -10.33 23.32 20.97
CA PRO A 19 -10.10 21.94 21.38
C PRO A 19 -8.78 21.44 20.81
N GLY A 20 -8.14 20.53 21.55
CA GLY A 20 -6.77 20.14 21.29
C GLY A 20 -5.80 20.59 22.36
N GLN A 21 -6.07 21.74 22.97
CA GLN A 21 -5.34 22.20 24.14
C GLN A 21 -6.03 21.81 25.44
N SER A 22 -7.14 21.09 25.36
CA SER A 22 -7.87 20.63 26.52
C SER A 22 -7.14 19.45 27.17
N THR A 23 -7.65 19.06 28.34
CA THR A 23 -6.97 18.14 29.24
C THR A 23 -7.66 16.77 29.21
N ILE A 24 -6.87 15.72 29.22
CA ILE A 24 -7.33 14.36 29.38
C ILE A 24 -6.72 13.82 30.67
N ASN A 25 -7.53 13.12 31.45
CA ASN A 25 -7.15 12.61 32.76
C ASN A 25 -7.16 11.08 32.73
N TYR A 26 -6.08 10.45 33.17
CA TYR A 26 -6.05 9.00 33.14
C TYR A 26 -5.17 8.47 34.27
N THR A 27 -5.32 7.17 34.53
CA THR A 27 -4.56 6.44 35.52
C THR A 27 -3.43 5.68 34.84
N SER A 28 -2.22 5.82 35.38
CA SER A 28 -1.04 5.19 34.82
C SER A 28 -0.39 4.32 35.89
N ILE A 29 0.82 3.84 35.60
CA ILE A 29 1.60 3.14 36.62
C ILE A 29 2.06 4.07 37.73
N TYR A 30 2.10 5.38 37.47
CA TYR A 30 2.44 6.39 38.47
C TYR A 30 1.22 6.94 39.19
N GLY A 31 0.14 6.16 39.25
CA GLY A 31 -1.09 6.50 39.94
C GLY A 31 -2.19 6.97 39.03
N ASN A 32 -3.29 7.38 39.67
CA ASN A 32 -4.48 7.95 39.07
C ASN A 32 -4.42 9.47 38.91
N GLY A 33 -3.33 9.95 38.31
CA GLY A 33 -3.16 11.38 38.15
C GLY A 33 -2.48 11.84 36.88
N SER A 34 -2.14 10.95 35.95
CA SER A 34 -1.55 11.39 34.69
C SER A 34 -2.53 12.16 33.82
N THR A 35 -2.00 13.12 33.05
CA THR A 35 -2.76 14.03 32.20
C THR A 35 -2.04 14.15 30.86
N ILE A 36 -2.81 14.42 29.81
CA ILE A 36 -2.23 14.63 28.48
C ILE A 36 -3.13 15.60 27.72
N THR A 37 -2.62 16.17 26.63
CA THR A 37 -3.40 17.02 25.74
C THR A 37 -3.78 16.22 24.50
N PHE A 38 -4.84 16.67 23.81
CA PHE A 38 -5.33 15.97 22.63
C PHE A 38 -4.36 16.02 21.45
N ASP A 39 -3.40 16.95 21.45
CA ASP A 39 -2.47 17.03 20.33
C ASP A 39 -1.26 16.12 20.49
N GLU A 40 -0.92 15.72 21.71
CA GLU A 40 0.12 14.71 21.87
C GLU A 40 -0.44 13.31 21.66
N LEU A 41 -1.72 13.12 22.03
CA LEU A 41 -2.42 11.89 21.67
C LEU A 41 -2.56 11.77 20.16
N GLN A 42 -2.95 12.86 19.48
CA GLN A 42 -3.08 12.81 18.03
C GLN A 42 -1.73 12.67 17.35
N GLY A 43 -0.65 13.15 17.98
CA GLY A 43 0.67 12.93 17.44
C GLY A 43 1.14 11.50 17.61
N LEU A 44 0.69 10.82 18.66
CA LEU A 44 0.93 9.38 18.76
C LEU A 44 0.12 8.60 17.73
N VAL A 45 -1.10 9.04 17.42
CA VAL A 45 -1.94 8.27 16.49
C VAL A 45 -1.50 8.50 15.03
N ASN A 46 -0.98 9.70 14.73
CA ASN A 46 -0.66 10.02 13.35
C ASN A 46 0.62 9.36 12.88
N SER A 47 1.44 8.87 13.80
CA SER A 47 2.66 8.18 13.41
C SER A 47 2.41 6.71 13.12
N THR A 48 1.40 6.11 13.76
CA THR A 48 0.95 4.79 13.36
C THR A 48 0.22 4.85 12.02
N VAL A 49 -0.62 5.90 11.83
CA VAL A 49 -1.31 6.06 10.56
C VAL A 49 -0.31 6.37 9.44
N THR A 50 0.84 6.95 9.76
CA THR A 50 1.85 7.21 8.74
C THR A 50 2.77 6.01 8.49
N GLN A 51 2.91 5.11 9.47
CA GLN A 51 3.75 3.94 9.23
C GLN A 51 2.96 2.73 8.75
N ALA A 52 1.64 2.85 8.60
CA ALA A 52 0.90 1.78 7.93
C ALA A 52 0.73 1.98 6.43
N ILE A 53 0.68 3.25 5.98
CA ILE A 53 0.58 3.57 4.55
C ILE A 53 1.81 3.08 3.80
N MET A 54 3.00 3.28 4.39
CA MET A 54 4.26 2.91 3.74
C MET A 54 4.36 1.41 3.53
N PHE A 55 4.01 0.63 4.55
CA PHE A 55 4.10 -0.82 4.45
C PHE A 55 3.00 -1.41 3.59
N GLY A 56 1.88 -0.70 3.43
CA GLY A 56 0.87 -1.17 2.47
C GLY A 56 1.32 -0.94 1.04
N VAL A 57 1.99 0.20 0.80
CA VAL A 57 2.59 0.48 -0.50
C VAL A 57 3.67 -0.55 -0.81
N ARG A 58 4.45 -0.93 0.21
CA ARG A 58 5.51 -1.92 0.07
C ARG A 58 4.95 -3.29 -0.32
N CYS A 59 3.92 -3.74 0.41
CA CYS A 59 3.29 -5.03 0.11
C CYS A 59 2.71 -5.07 -1.30
N GLY A 60 2.08 -3.97 -1.73
CA GLY A 60 1.45 -3.89 -3.04
C GLY A 60 2.46 -3.95 -4.16
N ALA A 61 3.42 -3.01 -4.12
CA ALA A 61 4.54 -2.98 -5.06
C ALA A 61 5.27 -4.32 -5.17
N ALA A 62 5.68 -4.89 -4.04
CA ALA A 62 6.46 -6.13 -4.09
C ALA A 62 5.66 -7.31 -4.65
N ALA A 63 4.35 -7.37 -4.34
CA ALA A 63 3.54 -8.47 -4.88
C ALA A 63 3.36 -8.35 -6.39
N LEU A 64 3.15 -7.12 -6.86
CA LEU A 64 2.93 -6.92 -8.28
C LEU A 64 4.24 -6.82 -9.05
N THR A 65 5.38 -6.82 -8.36
CA THR A 65 6.67 -6.91 -9.01
C THR A 65 7.08 -8.36 -9.16
N LEU A 66 6.77 -9.18 -8.14
CA LEU A 66 7.02 -10.61 -8.18
C LEU A 66 6.32 -11.29 -9.36
N ILE A 67 5.00 -11.02 -9.51
CA ILE A 67 4.23 -11.64 -10.60
C ILE A 67 4.81 -11.24 -11.96
N VAL A 68 5.05 -9.94 -12.17
CA VAL A 68 5.49 -9.39 -13.46
C VAL A 68 6.86 -9.93 -13.86
N MET A 69 7.76 -10.11 -12.88
CA MET A 69 9.06 -10.72 -13.16
C MET A 69 8.90 -12.19 -13.52
N TRP A 70 7.94 -12.88 -12.90
CA TRP A 70 7.69 -14.27 -13.27
C TRP A 70 7.21 -14.37 -14.72
N MET A 71 6.41 -13.41 -15.17
CA MET A 71 5.80 -13.49 -16.49
C MET A 71 6.63 -12.88 -17.62
N THR A 72 7.57 -12.00 -17.33
CA THR A 72 8.27 -11.28 -18.39
C THR A 72 9.76 -11.56 -18.42
N SER A 73 10.16 -12.83 -18.26
CA SER A 73 11.57 -13.18 -18.29
C SER A 73 11.86 -14.23 -19.35
N ARG A 74 12.97 -14.05 -20.07
CA ARG A 74 13.43 -15.00 -21.08
C ARG A 74 14.41 -16.02 -20.52
N SER A 75 15.45 -15.57 -19.83
CA SER A 75 16.48 -16.45 -19.32
C SER A 75 16.30 -16.68 -17.83
N ARG A 76 15.51 -17.70 -17.49
CA ARG A 76 15.40 -18.16 -16.11
C ARG A 76 16.54 -19.14 -15.81
N LYS A 77 16.50 -19.71 -14.60
CA LYS A 77 17.46 -20.63 -13.96
C LYS A 77 18.76 -19.93 -13.56
N THR A 78 18.86 -18.62 -13.76
CA THR A 78 19.97 -17.79 -13.35
C THR A 78 19.91 -17.57 -11.84
N PRO A 79 21.05 -17.63 -11.14
CA PRO A 79 21.05 -17.33 -9.69
C PRO A 79 20.57 -15.93 -9.35
N ILE A 80 20.90 -14.93 -10.18
CA ILE A 80 20.56 -13.54 -9.90
C ILE A 80 19.04 -13.36 -9.94
N PHE A 81 18.38 -14.08 -10.86
CA PHE A 81 16.93 -14.07 -10.96
C PHE A 81 16.30 -14.63 -9.69
N ILE A 82 16.79 -15.79 -9.23
CA ILE A 82 16.24 -16.44 -8.04
C ILE A 82 16.42 -15.57 -6.79
N ILE A 83 17.59 -14.94 -6.66
CA ILE A 83 17.85 -14.09 -5.48
C ILE A 83 16.97 -12.84 -5.52
N ASN A 84 16.86 -12.21 -6.70
CA ASN A 84 15.95 -11.09 -6.89
C ASN A 84 14.50 -11.49 -6.67
N GLN A 85 14.18 -12.76 -6.84
CA GLN A 85 12.80 -13.23 -6.78
C GLN A 85 12.42 -13.68 -5.38
N VAL A 86 13.41 -14.00 -4.54
CA VAL A 86 13.14 -14.26 -3.12
C VAL A 86 13.26 -13.01 -2.26
N SER A 87 13.92 -11.95 -2.75
CA SER A 87 13.95 -10.71 -1.97
C SER A 87 12.58 -10.04 -1.98
N LEU A 88 11.88 -10.09 -3.12
CA LEU A 88 10.53 -9.56 -3.21
C LEU A 88 9.54 -10.37 -2.40
N PHE A 89 9.84 -11.63 -2.10
CA PHE A 89 9.00 -12.46 -1.25
C PHE A 89 9.24 -12.20 0.22
N LEU A 90 10.49 -11.89 0.59
CA LEU A 90 10.74 -11.58 1.98
C LEU A 90 10.29 -10.17 2.34
N ILE A 91 10.15 -9.29 1.34
CA ILE A 91 9.53 -7.99 1.59
C ILE A 91 8.06 -8.17 1.97
N ILE A 92 7.35 -9.08 1.27
CA ILE A 92 5.92 -9.27 1.53
C ILE A 92 5.72 -9.96 2.87
N LEU A 93 6.63 -10.88 3.23
CA LEU A 93 6.48 -11.57 4.51
C LEU A 93 6.78 -10.61 5.68
N HIS A 94 7.79 -9.75 5.51
CA HIS A 94 8.08 -8.70 6.48
C HIS A 94 6.91 -7.75 6.66
N SER A 95 6.25 -7.37 5.55
CA SER A 95 5.11 -6.47 5.64
C SER A 95 3.89 -7.12 6.26
N ALA A 96 3.71 -8.44 6.05
CA ALA A 96 2.62 -9.16 6.70
C ALA A 96 2.80 -9.17 8.20
N LEU A 97 3.95 -9.54 8.75
CA LEU A 97 4.12 -9.63 10.22
C LEU A 97 4.16 -8.24 10.84
N TYR A 98 4.35 -7.19 10.07
CA TYR A 98 4.28 -5.81 10.59
C TYR A 98 2.83 -5.35 10.66
N PHE A 99 1.95 -5.76 9.75
CA PHE A 99 0.52 -5.47 9.88
C PHE A 99 0.06 -6.26 11.09
N LYS A 100 0.53 -7.48 11.26
CA LYS A 100 0.20 -8.18 12.50
C LYS A 100 0.65 -7.38 13.72
N TYR A 101 1.86 -6.80 13.65
CA TYR A 101 2.39 -6.02 14.77
C TYR A 101 1.57 -4.75 15.01
N LEU A 102 1.14 -4.08 13.92
CA LEU A 102 0.50 -2.76 14.04
C LEU A 102 -0.87 -2.81 14.70
N LEU A 103 -1.55 -3.95 14.69
CA LEU A 103 -2.86 -4.08 15.32
C LEU A 103 -2.80 -4.78 16.67
N SER A 104 -1.60 -4.98 17.21
CA SER A 104 -1.40 -5.67 18.47
C SER A 104 -1.24 -4.67 19.61
N ASN A 105 -1.18 -5.25 20.81
CA ASN A 105 -1.19 -4.48 22.07
C ASN A 105 0.12 -3.80 22.36
N TYR A 106 1.15 -4.06 21.60
CA TYR A 106 2.46 -3.42 21.81
C TYR A 106 2.45 -2.10 21.07
N SER A 107 1.48 -1.86 20.20
CA SER A 107 1.38 -0.59 19.46
C SER A 107 0.11 0.15 19.81
N SER A 108 -0.47 -0.09 20.97
CA SER A 108 -1.79 0.46 21.34
C SER A 108 -1.63 1.78 22.04
N VAL A 109 -2.67 2.61 22.11
CA VAL A 109 -2.62 3.83 22.92
C VAL A 109 -2.68 3.48 24.40
N THR A 110 -3.21 2.29 24.73
CA THR A 110 -3.32 1.84 26.11
C THR A 110 -1.94 1.61 26.73
N TYR A 111 -1.10 0.82 26.06
CA TYR A 111 0.26 0.58 26.53
C TYR A 111 1.09 1.85 26.51
N ALA A 112 0.93 2.68 25.46
CA ALA A 112 1.68 3.92 25.31
C ALA A 112 1.43 4.87 26.48
N LEU A 113 0.16 5.12 26.81
CA LEU A 113 -0.14 6.06 27.89
C LEU A 113 0.01 5.41 29.25
N THR A 114 -0.51 4.20 29.42
CA THR A 114 -0.43 3.45 30.67
C THR A 114 0.55 2.29 30.47
N GLY A 115 1.77 2.44 30.99
CA GLY A 115 2.78 1.44 30.78
C GLY A 115 2.67 0.22 31.68
N PHE A 116 1.51 -0.44 31.66
CA PHE A 116 1.28 -1.61 32.49
C PHE A 116 1.81 -2.86 31.79
N PRO A 117 2.69 -3.64 32.43
CA PRO A 117 3.20 -4.86 31.79
C PRO A 117 2.23 -6.03 31.80
N GLN A 118 1.05 -5.87 32.41
CA GLN A 118 0.04 -6.93 32.37
C GLN A 118 -0.62 -7.02 31.00
N PHE A 119 -0.51 -5.97 30.18
CA PHE A 119 -1.16 -5.92 28.88
C PHE A 119 -0.37 -6.66 27.81
N ILE A 120 0.86 -7.05 28.11
CA ILE A 120 1.74 -7.73 27.16
C ILE A 120 1.73 -9.23 27.48
N SER A 121 1.33 -10.04 26.50
CA SER A 121 1.31 -11.48 26.65
C SER A 121 2.49 -12.11 25.91
N ARG A 122 2.63 -13.43 26.05
CA ARG A 122 3.61 -14.19 25.29
C ARG A 122 2.97 -14.62 23.97
N GLY A 123 3.53 -14.13 22.87
CA GLY A 123 2.90 -14.22 21.57
C GLY A 123 3.05 -12.89 20.89
N ASP A 124 3.07 -11.83 21.69
CA ASP A 124 3.49 -10.51 21.24
C ASP A 124 5.01 -10.43 21.13
N VAL A 125 5.74 -11.21 21.94
CA VAL A 125 7.20 -11.18 21.89
C VAL A 125 7.72 -12.10 20.77
N HIS A 126 6.94 -13.12 20.41
CA HIS A 126 7.37 -14.06 19.39
C HIS A 126 7.23 -13.50 17.98
N VAL A 127 6.33 -12.56 17.77
CA VAL A 127 6.20 -11.93 16.46
C VAL A 127 7.27 -10.87 16.29
N TYR A 128 7.70 -10.27 17.41
CA TYR A 128 8.85 -9.36 17.40
C TYR A 128 10.12 -10.10 17.04
N GLY A 129 10.35 -11.25 17.68
CA GLY A 129 11.44 -12.16 17.29
C GLY A 129 11.41 -12.54 15.83
N ALA A 130 10.26 -13.02 15.34
CA ALA A 130 10.14 -13.48 13.95
C ALA A 130 10.42 -12.35 12.97
N THR A 131 9.92 -11.15 13.26
CA THR A 131 10.15 -10.00 12.38
C THR A 131 11.62 -9.60 12.37
N ASN A 132 12.29 -9.70 13.53
CA ASN A 132 13.72 -9.43 13.57
C ASN A 132 14.55 -10.50 12.86
N ILE A 133 14.01 -11.69 12.66
CA ILE A 133 14.75 -12.68 11.88
C ILE A 133 14.51 -12.54 10.37
N ILE A 134 13.31 -12.07 9.97
CA ILE A 134 13.09 -11.84 8.55
C ILE A 134 13.82 -10.59 8.07
N GLN A 135 14.03 -9.60 8.94
CA GLN A 135 14.80 -8.42 8.54
C GLN A 135 16.26 -8.75 8.22
N VAL A 136 16.84 -9.76 8.88
CA VAL A 136 18.23 -10.09 8.59
C VAL A 136 18.30 -11.09 7.44
N LEU A 137 17.26 -11.93 7.27
CA LEU A 137 17.21 -12.76 6.08
C LEU A 137 16.87 -11.98 4.81
N LEU A 138 16.49 -10.69 4.95
CA LEU A 138 16.32 -9.83 3.78
C LEU A 138 17.59 -9.05 3.46
N VAL A 139 18.30 -8.58 4.50
CA VAL A 139 19.60 -7.93 4.27
C VAL A 139 20.61 -8.90 3.67
N ALA A 140 20.54 -10.19 4.05
CA ALA A 140 21.47 -11.17 3.51
C ALA A 140 21.25 -11.40 2.02
N SER A 141 19.98 -11.42 1.59
CA SER A 141 19.64 -11.56 0.18
C SER A 141 20.09 -10.35 -0.63
N ILE A 142 19.87 -9.14 -0.10
CA ILE A 142 20.34 -7.91 -0.77
C ILE A 142 21.86 -7.97 -0.98
N GLU A 143 22.61 -8.32 0.07
CA GLU A 143 24.07 -8.34 -0.05
C GLU A 143 24.57 -9.41 -1.02
N THR A 144 23.97 -10.62 -0.99
CA THR A 144 24.41 -11.65 -1.92
C THR A 144 24.08 -11.28 -3.37
N SER A 145 22.96 -10.60 -3.61
CA SER A 145 22.64 -10.09 -4.94
C SER A 145 23.70 -9.10 -5.42
N LEU A 146 24.10 -8.17 -4.54
CA LEU A 146 25.10 -7.18 -4.92
C LEU A 146 26.46 -7.81 -5.18
N VAL A 147 26.79 -8.88 -4.45
CA VAL A 147 28.10 -9.49 -4.63
C VAL A 147 28.13 -10.35 -5.89
N PHE A 148 26.98 -10.89 -6.31
CA PHE A 148 26.98 -11.58 -7.60
C PHE A 148 26.99 -10.62 -8.78
N GLN A 149 26.32 -9.45 -8.67
CA GLN A 149 26.42 -8.46 -9.75
C GLN A 149 27.83 -7.93 -9.91
N ILE A 150 28.53 -7.66 -8.79
CA ILE A 150 29.92 -7.25 -8.87
C ILE A 150 30.80 -8.38 -9.41
N LYS A 151 30.53 -9.62 -9.00
CA LYS A 151 31.32 -10.76 -9.49
C LYS A 151 31.09 -11.04 -10.98
N VAL A 152 30.03 -10.49 -11.57
CA VAL A 152 29.78 -10.70 -12.99
C VAL A 152 30.22 -9.49 -13.83
N ILE A 153 30.34 -8.30 -13.23
CA ILE A 153 30.74 -7.10 -13.98
C ILE A 153 32.18 -7.22 -14.52
N PHE A 154 33.15 -7.37 -13.62
CA PHE A 154 34.54 -7.23 -14.03
C PHE A 154 35.22 -8.53 -14.44
N THR A 155 34.69 -9.69 -14.02
CA THR A 155 35.29 -10.97 -14.37
C THR A 155 35.11 -11.24 -15.86
N GLY A 156 36.22 -11.51 -16.55
CA GLY A 156 36.19 -11.73 -17.98
C GLY A 156 37.45 -11.28 -18.69
N ASP A 157 37.29 -10.67 -19.87
CA ASP A 157 38.43 -10.16 -20.64
C ASP A 157 39.04 -8.90 -20.04
N ASN A 158 38.37 -8.28 -19.06
CA ASN A 158 38.90 -7.10 -18.40
C ASN A 158 40.10 -7.45 -17.53
N PHE A 159 40.81 -6.42 -17.08
CA PHE A 159 41.98 -6.60 -16.23
C PHE A 159 41.60 -7.20 -14.89
N LYS A 160 42.42 -8.16 -14.43
CA LYS A 160 42.15 -8.96 -13.25
C LYS A 160 42.66 -8.33 -11.96
N ARG A 161 43.28 -7.15 -12.02
CA ARG A 161 43.78 -6.53 -10.80
C ARG A 161 42.64 -5.87 -10.02
N ILE A 162 41.93 -4.94 -10.67
CA ILE A 162 40.83 -4.23 -10.02
C ILE A 162 39.68 -5.19 -9.72
N GLY A 163 39.35 -6.06 -10.69
CA GLY A 163 38.19 -6.93 -10.57
C GLY A 163 38.27 -7.89 -9.41
N LEU A 164 39.45 -8.45 -9.16
CA LEU A 164 39.62 -9.41 -8.08
C LEU A 164 39.55 -8.75 -6.71
N MET A 165 39.94 -7.47 -6.61
CA MET A 165 39.91 -6.80 -5.32
C MET A 165 38.56 -6.16 -5.02
N LEU A 166 37.75 -5.84 -6.04
CA LEU A 166 36.49 -5.16 -5.73
C LEU A 166 35.46 -6.15 -5.20
N THR A 167 35.50 -7.39 -5.70
CA THR A 167 34.74 -8.48 -5.09
C THR A 167 35.16 -8.71 -3.64
N SER A 168 36.45 -8.49 -3.30
CA SER A 168 36.89 -8.66 -1.91
C SER A 168 36.29 -7.59 -1.00
N ILE A 169 36.36 -6.31 -1.40
CA ILE A 169 35.74 -5.28 -0.55
C ILE A 169 34.21 -5.43 -0.51
N SER A 170 33.59 -6.02 -1.54
CA SER A 170 32.14 -6.12 -1.50
C SER A 170 31.68 -7.31 -0.66
N PHE A 171 32.40 -8.44 -0.74
CA PHE A 171 32.19 -9.55 0.18
C PHE A 171 32.41 -9.13 1.63
N THR A 172 33.44 -8.32 1.88
CA THR A 172 33.72 -7.83 3.23
C THR A 172 32.59 -6.97 3.77
N LEU A 173 32.13 -6.01 2.95
CA LEU A 173 31.05 -5.11 3.36
C LEU A 173 29.76 -5.88 3.60
N GLY A 174 29.45 -6.84 2.73
CA GLY A 174 28.24 -7.63 2.90
C GLY A 174 28.25 -8.47 4.16
N ILE A 175 29.37 -9.18 4.41
CA ILE A 175 29.45 -10.03 5.59
C ILE A 175 29.43 -9.19 6.87
N ALA A 176 29.98 -7.96 6.83
CA ALA A 176 29.97 -7.11 8.00
C ALA A 176 28.57 -6.59 8.29
N THR A 177 27.83 -6.22 7.23
CA THR A 177 26.45 -5.76 7.38
C THR A 177 25.56 -6.86 7.97
N VAL A 178 25.66 -8.08 7.43
CA VAL A 178 24.84 -9.20 7.91
C VAL A 178 25.19 -9.54 9.35
N THR A 179 26.49 -9.55 9.69
CA THR A 179 26.91 -9.89 11.06
C THR A 179 26.41 -8.85 12.05
N MET A 180 26.51 -7.55 11.70
CA MET A 180 26.07 -6.50 12.60
C MET A 180 24.56 -6.54 12.81
N TYR A 181 23.79 -6.82 11.74
CA TYR A 181 22.34 -6.98 11.87
C TYR A 181 21.99 -8.14 12.79
N PHE A 182 22.70 -9.28 12.64
CA PHE A 182 22.48 -10.45 13.49
C PHE A 182 22.77 -10.13 14.96
N VAL A 183 23.86 -9.40 15.22
CA VAL A 183 24.24 -9.05 16.59
C VAL A 183 23.16 -8.18 17.23
N SER A 184 22.78 -7.09 16.54
CA SER A 184 21.67 -6.21 16.94
C SER A 184 20.42 -7.00 17.28
N ALA A 185 20.00 -7.89 16.37
CA ALA A 185 18.80 -8.70 16.57
C ALA A 185 18.88 -9.57 17.82
N VAL A 186 19.97 -10.34 17.95
CA VAL A 186 20.06 -11.30 19.05
C VAL A 186 20.18 -10.60 20.41
N LYS A 187 20.71 -9.37 20.44
CA LYS A 187 20.75 -8.70 21.75
C LYS A 187 19.42 -8.06 22.07
N GLY A 188 18.77 -7.45 21.06
CA GLY A 188 17.44 -6.90 21.26
C GLY A 188 16.46 -7.94 21.77
N MET A 189 16.54 -9.16 21.21
CA MET A 189 15.68 -10.25 21.67
C MET A 189 15.95 -10.62 23.12
N ILE A 190 17.23 -10.78 23.50
CA ILE A 190 17.60 -11.03 24.91
C ILE A 190 17.00 -9.97 25.84
N VAL A 191 17.24 -8.70 25.50
CA VAL A 191 16.72 -7.56 26.28
C VAL A 191 15.21 -7.63 26.45
N THR A 192 14.48 -7.80 25.33
CA THR A 192 13.02 -7.81 25.38
C THR A 192 12.49 -9.02 26.16
N TYR A 193 13.07 -10.21 25.95
CA TYR A 193 12.68 -11.38 26.73
C TYR A 193 12.95 -11.20 28.22
N ASN A 194 13.93 -10.38 28.59
CA ASN A 194 14.15 -10.08 30.01
C ASN A 194 13.09 -9.12 30.55
N ASP A 195 12.79 -8.06 29.80
CA ASP A 195 11.84 -7.04 30.24
C ASP A 195 11.10 -6.52 29.03
N VAL A 196 9.76 -6.50 29.11
CA VAL A 196 8.95 -6.06 27.99
C VAL A 196 9.07 -4.56 27.75
N SER A 197 9.37 -3.79 28.79
CA SER A 197 9.43 -2.33 28.70
C SER A 197 10.85 -1.81 28.61
N ALA A 198 11.74 -2.55 27.96
CA ALA A 198 13.15 -2.19 27.83
C ALA A 198 13.51 -2.04 26.36
N THR A 199 14.38 -1.08 26.07
CA THR A 199 14.78 -0.77 24.70
C THR A 199 16.31 -0.80 24.59
N GLN A 200 16.81 -1.52 23.59
CA GLN A 200 18.24 -1.58 23.29
C GLN A 200 18.42 -1.11 21.84
N ASP A 201 19.06 0.04 21.66
CA ASP A 201 19.13 0.58 20.26
C ASP A 201 20.44 1.28 19.91
N LYS A 202 21.60 0.63 19.99
CA LYS A 202 22.81 1.36 19.54
C LYS A 202 23.31 0.70 18.28
N TYR A 203 22.79 -0.49 17.99
CA TYR A 203 23.34 -1.24 16.84
C TYR A 203 22.44 -1.16 15.61
N PHE A 204 21.38 -0.36 15.62
CA PHE A 204 20.46 -0.36 14.46
C PHE A 204 20.87 0.80 13.57
N ASN A 205 21.48 1.81 14.14
CA ASN A 205 21.89 3.05 13.49
C ASN A 205 23.30 2.97 12.95
N ALA A 206 23.96 1.82 13.02
CA ALA A 206 25.19 1.54 12.28
C ALA A 206 25.01 0.46 11.23
N SER A 207 24.01 -0.40 11.40
CA SER A 207 23.66 -1.37 10.37
C SER A 207 23.06 -0.68 9.17
N THR A 208 22.26 0.37 9.41
CA THR A 208 21.71 1.10 8.27
C THR A 208 22.81 1.85 7.52
N ILE A 209 23.83 2.34 8.24
CA ILE A 209 24.92 3.05 7.57
C ILE A 209 25.78 2.09 6.75
N LEU A 210 25.77 0.80 7.08
CA LEU A 210 26.62 -0.12 6.31
C LEU A 210 25.87 -0.70 5.12
N LEU A 211 24.55 -0.88 5.26
CA LEU A 211 23.72 -1.14 4.08
C LEU A 211 23.80 0.01 3.07
N ALA A 212 23.72 1.25 3.57
CA ALA A 212 23.86 2.43 2.72
C ALA A 212 25.23 2.49 2.05
N SER A 213 26.29 2.18 2.81
CA SER A 213 27.65 2.15 2.27
C SER A 213 27.77 1.15 1.13
N SER A 214 27.23 -0.06 1.30
CA SER A 214 27.36 -1.09 0.27
C SER A 214 26.61 -0.70 -1.00
N ILE A 215 25.41 -0.12 -0.85
CA ILE A 215 24.67 0.38 -2.02
C ILE A 215 25.42 1.51 -2.71
N ASN A 216 26.03 2.43 -1.93
CA ASN A 216 26.82 3.51 -2.51
C ASN A 216 28.04 2.97 -3.27
N PHE A 217 28.60 1.87 -2.78
CA PHE A 217 29.74 1.25 -3.46
C PHE A 217 29.31 0.64 -4.78
N MET A 218 28.12 0.02 -4.81
CA MET A 218 27.59 -0.52 -6.07
C MET A 218 27.29 0.58 -7.08
N SER A 219 26.85 1.74 -6.59
CA SER A 219 26.60 2.86 -7.49
C SER A 219 27.89 3.42 -8.07
N PHE A 220 28.93 3.51 -7.22
CA PHE A 220 30.25 3.93 -7.67
C PHE A 220 30.80 2.99 -8.73
N VAL A 221 30.64 1.67 -8.53
CA VAL A 221 31.21 0.70 -9.46
C VAL A 221 30.45 0.73 -10.79
N LEU A 222 29.16 1.07 -10.76
CA LEU A 222 28.41 1.12 -12.01
C LEU A 222 28.70 2.40 -12.79
N VAL A 223 28.90 3.51 -12.07
CA VAL A 223 29.38 4.75 -12.70
C VAL A 223 30.76 4.55 -13.33
N VAL A 224 31.66 3.86 -12.62
CA VAL A 224 32.97 3.47 -13.16
C VAL A 224 32.82 2.71 -14.49
N LYS A 225 31.97 1.65 -14.48
CA LYS A 225 31.72 0.88 -15.70
C LYS A 225 31.18 1.73 -16.84
N LEU A 226 30.41 2.77 -16.51
CA LEU A 226 29.84 3.62 -17.56
C LEU A 226 30.89 4.56 -18.14
N ILE A 227 31.73 5.14 -17.28
CA ILE A 227 32.80 6.00 -17.76
C ILE A 227 33.81 5.20 -18.58
N LEU A 228 34.02 3.92 -18.24
CA LEU A 228 34.95 3.12 -19.03
C LEU A 228 34.29 2.60 -20.30
N ALA A 229 32.96 2.57 -20.35
CA ALA A 229 32.27 2.20 -21.59
C ALA A 229 32.15 3.37 -22.54
N ILE A 230 32.23 4.60 -22.04
CA ILE A 230 32.31 5.76 -22.93
C ILE A 230 33.77 6.03 -23.31
N ARG A 231 34.73 5.56 -22.51
CA ARG A 231 36.13 5.81 -22.82
C ARG A 231 36.71 4.76 -23.77
N SER A 232 36.28 3.50 -23.67
CA SER A 232 36.81 2.47 -24.55
C SER A 232 36.35 2.64 -25.99
N ARG A 233 35.07 3.00 -26.18
CA ARG A 233 34.49 3.07 -27.53
C ARG A 233 35.17 4.13 -28.41
N ARG A 234 35.53 5.27 -27.82
CA ARG A 234 36.12 6.36 -28.61
C ARG A 234 37.52 6.01 -29.10
N PHE A 235 38.27 5.22 -28.31
CA PHE A 235 39.59 4.73 -28.71
C PHE A 235 39.50 3.93 -30.01
N LEU A 236 38.55 3.01 -30.10
CA LEU A 236 38.28 2.30 -31.33
C LEU A 236 37.43 3.16 -32.26
N GLY A 237 37.02 2.59 -33.39
CA GLY A 237 36.20 3.29 -34.36
C GLY A 237 34.71 3.03 -34.27
N LEU A 238 34.25 2.31 -33.25
CA LEU A 238 32.84 1.97 -33.12
C LEU A 238 32.03 3.21 -32.72
N LYS A 239 30.74 3.19 -33.08
CA LYS A 239 29.85 4.30 -32.78
C LYS A 239 29.47 4.33 -31.31
N GLN A 240 29.20 5.52 -30.80
CA GLN A 240 28.94 5.71 -29.38
C GLN A 240 27.44 5.54 -29.08
N PHE A 241 27.08 5.74 -27.82
CA PHE A 241 25.68 5.74 -27.44
C PHE A 241 25.03 7.05 -27.85
N ASP A 242 23.82 6.95 -28.42
CA ASP A 242 23.12 8.16 -28.85
C ASP A 242 22.41 8.85 -27.68
N SER A 243 21.46 8.16 -27.05
CA SER A 243 20.75 8.69 -25.90
C SER A 243 20.59 7.60 -24.83
N PHE A 244 21.62 6.77 -24.67
CA PHE A 244 21.60 5.70 -23.69
C PHE A 244 22.14 6.14 -22.34
N HIS A 245 22.98 7.19 -22.33
CA HIS A 245 23.55 7.72 -21.10
C HIS A 245 22.46 8.23 -20.18
N ILE A 246 21.47 8.93 -20.75
CA ILE A 246 20.41 9.53 -19.94
C ILE A 246 19.58 8.44 -19.28
N LEU A 247 19.27 7.36 -20.01
CA LEU A 247 18.53 6.24 -19.43
C LEU A 247 19.31 5.59 -18.30
N LEU A 248 20.58 5.23 -18.57
CA LEU A 248 21.44 4.57 -17.57
C LEU A 248 21.60 5.42 -16.31
N ILE A 249 22.01 6.68 -16.46
CA ILE A 249 22.29 7.54 -15.31
C ILE A 249 20.99 7.89 -14.58
N MET A 250 20.01 8.46 -15.30
CA MET A 250 18.79 8.98 -14.67
C MET A 250 17.91 7.86 -14.14
N SER A 251 17.42 6.98 -15.02
CA SER A 251 16.63 5.86 -14.53
C SER A 251 17.53 4.88 -13.81
N CYS A 252 16.96 4.05 -12.94
CA CYS A 252 17.78 3.37 -11.95
C CYS A 252 18.42 2.09 -12.51
N GLN A 253 19.08 2.21 -13.66
CA GLN A 253 20.04 1.20 -14.10
C GLN A 253 21.29 1.21 -13.24
N SER A 254 21.66 2.37 -12.72
CA SER A 254 22.58 2.52 -11.61
C SER A 254 21.84 3.05 -10.40
N LEU A 255 22.25 2.66 -9.20
CA LEU A 255 21.45 2.86 -8.00
C LEU A 255 21.62 4.24 -7.38
N LEU A 256 21.48 5.30 -8.19
CA LEU A 256 21.76 6.65 -7.69
C LEU A 256 20.63 7.20 -6.83
N VAL A 257 19.37 7.02 -7.23
CA VAL A 257 18.24 7.54 -6.44
C VAL A 257 18.18 6.90 -5.04
N PRO A 258 18.23 5.55 -4.87
CA PRO A 258 18.28 5.03 -3.49
C PRO A 258 19.49 5.50 -2.71
N SER A 259 20.61 5.76 -3.39
CA SER A 259 21.82 6.22 -2.72
C SER A 259 21.67 7.65 -2.22
N ILE A 260 21.02 8.51 -3.00
CA ILE A 260 20.75 9.88 -2.56
C ILE A 260 19.78 9.88 -1.38
N ILE A 261 18.74 9.04 -1.44
CA ILE A 261 17.79 8.99 -0.32
C ILE A 261 18.47 8.45 0.93
N PHE A 262 19.38 7.48 0.78
CA PHE A 262 20.12 6.99 1.94
C PHE A 262 21.07 8.04 2.51
N ILE A 263 21.74 8.83 1.66
CA ILE A 263 22.66 9.83 2.21
C ILE A 263 21.91 11.03 2.83
N LEU A 264 20.68 11.29 2.42
CA LEU A 264 19.90 12.31 3.13
C LEU A 264 19.09 11.73 4.29
N ALA A 265 19.01 10.41 4.42
CA ALA A 265 18.21 9.84 5.50
C ALA A 265 18.91 9.91 6.85
N TYR A 266 20.19 9.54 6.92
CA TYR A 266 20.87 9.58 8.21
C TYR A 266 21.68 10.84 8.47
N SER A 267 22.09 11.58 7.43
CA SER A 267 22.77 12.85 7.65
C SER A 267 21.86 13.87 8.31
N LEU A 268 20.57 13.87 7.95
CA LEU A 268 19.62 14.87 8.49
C LEU A 268 19.16 14.47 9.89
N LYS A 269 18.78 15.44 10.73
CA LYS A 269 18.31 15.14 12.11
C LYS A 269 16.91 14.50 12.04
N PRO A 270 16.55 13.61 13.00
CA PRO A 270 15.26 12.89 12.96
C PRO A 270 13.99 13.73 12.80
N ASN A 271 14.05 15.03 13.09
CA ASN A 271 12.84 15.84 13.04
C ASN A 271 12.44 16.24 11.61
N GLN A 272 13.10 15.72 10.59
CA GLN A 272 12.73 16.00 9.21
C GLN A 272 12.39 14.73 8.45
N GLY A 273 11.61 13.85 9.08
CA GLY A 273 11.18 12.61 8.44
C GLY A 273 12.30 11.63 8.17
N THR A 274 13.20 11.36 9.10
CA THR A 274 14.34 10.46 8.79
C THR A 274 13.86 9.00 8.75
N ASP A 275 12.76 8.68 9.42
CA ASP A 275 12.22 7.30 9.47
C ASP A 275 11.41 7.02 8.22
N VAL A 276 10.83 8.04 7.62
CA VAL A 276 10.08 7.87 6.37
C VAL A 276 11.06 7.72 5.20
N LEU A 277 12.35 7.95 5.39
CA LEU A 277 13.25 7.96 4.24
C LEU A 277 13.94 6.62 4.04
N THR A 278 14.41 5.99 5.12
CA THR A 278 15.05 4.67 5.02
C THR A 278 14.04 3.61 4.56
N THR A 279 12.76 3.75 4.94
CA THR A 279 11.76 2.77 4.56
C THR A 279 11.44 2.88 3.07
N VAL A 280 11.49 4.09 2.51
CA VAL A 280 11.32 4.26 1.08
C VAL A 280 12.59 3.80 0.33
N ALA A 281 13.75 3.96 0.95
CA ALA A 281 14.99 3.67 0.23
C ALA A 281 15.28 2.17 0.19
N THR A 282 14.82 1.43 1.20
CA THR A 282 14.95 -0.04 1.13
C THR A 282 14.03 -0.61 0.06
N LEU A 283 12.81 -0.09 -0.04
CA LEU A 283 11.89 -0.47 -1.11
C LEU A 283 12.47 -0.15 -2.48
N LEU A 284 13.07 1.03 -2.63
CA LEU A 284 13.59 1.41 -3.94
C LEU A 284 14.83 0.61 -4.30
N ALA A 285 15.64 0.21 -3.32
CA ALA A 285 16.78 -0.65 -3.60
C ALA A 285 16.33 -2.05 -4.05
N VAL A 286 15.37 -2.64 -3.32
CA VAL A 286 14.91 -3.99 -3.68
C VAL A 286 14.12 -3.96 -4.98
N LEU A 287 13.51 -2.82 -5.33
CA LEU A 287 12.80 -2.70 -6.59
C LEU A 287 13.73 -2.35 -7.74
N SER A 288 14.90 -1.80 -7.45
CA SER A 288 15.87 -1.42 -8.47
C SER A 288 16.94 -2.46 -8.73
N LEU A 289 17.01 -3.51 -7.91
CA LEU A 289 17.93 -4.61 -8.21
C LEU A 289 17.68 -5.28 -9.58
N PRO A 290 16.43 -5.56 -10.03
CA PRO A 290 16.27 -6.05 -11.42
C PRO A 290 16.79 -5.13 -12.51
N LEU A 291 16.79 -3.81 -12.27
CA LEU A 291 17.28 -2.89 -13.29
C LEU A 291 18.78 -2.70 -13.20
N SER A 292 19.35 -2.83 -12.00
CA SER A 292 20.79 -2.77 -11.87
C SER A 292 21.45 -4.06 -12.33
N SER A 293 20.67 -5.14 -12.44
CA SER A 293 21.25 -6.42 -12.82
C SER A 293 21.27 -6.66 -14.33
N MET A 294 20.55 -5.86 -15.11
CA MET A 294 20.63 -5.99 -16.57
C MET A 294 21.82 -5.23 -17.14
N TRP A 295 22.09 -4.04 -16.61
CA TRP A 295 23.24 -3.24 -17.04
C TRP A 295 24.54 -3.92 -16.62
N ALA A 296 24.55 -4.54 -15.44
CA ALA A 296 25.75 -5.16 -14.90
C ALA A 296 26.26 -6.30 -15.78
N THR A 297 25.37 -7.14 -16.29
CA THR A 297 25.77 -8.17 -17.26
C THR A 297 25.36 -7.73 -18.67
N ALA A 298 26.19 -6.84 -19.22
CA ALA A 298 26.01 -6.32 -20.57
C ALA A 298 27.37 -6.17 -21.21
N ALA A 299 27.43 -6.36 -22.52
CA ALA A 299 28.70 -6.31 -23.25
C ALA A 299 29.29 -4.90 -23.20
N ASN A 300 30.54 -4.81 -22.74
CA ASN A 300 31.16 -3.51 -22.53
C ASN A 300 31.56 -2.86 -23.86
N ASN A 301 32.12 -3.64 -24.77
CA ASN A 301 32.54 -3.11 -26.07
C ASN A 301 32.21 -4.03 -27.24
N ALA A 302 31.64 -5.21 -27.00
CA ALA A 302 31.29 -6.11 -28.09
C ALA A 302 30.14 -5.55 -28.93
N SER A 303 29.14 -4.96 -28.28
CA SER A 303 28.00 -4.38 -29.00
C SER A 303 28.35 -3.03 -29.57
N HIS B 1 -27.82 0.50 4.96
CA HIS B 1 -28.29 -0.89 5.07
C HIS B 1 -27.10 -1.80 5.40
N ALA B 2 -25.98 -1.58 4.70
CA ALA B 2 -24.76 -2.35 4.98
C ALA B 2 -23.52 -1.48 5.09
N LEU B 3 -23.51 -0.29 4.50
CA LEU B 3 -22.37 0.62 4.58
C LEU B 3 -22.84 1.93 5.20
N GLN B 4 -22.09 2.39 6.20
CA GLN B 4 -22.41 3.62 6.92
C GLN B 4 -21.22 4.56 6.83
N LEU B 5 -21.50 5.82 6.52
CA LEU B 5 -20.46 6.82 6.34
C LEU B 5 -20.44 7.77 7.52
N LYS B 6 -19.24 8.22 7.87
CA LYS B 6 -19.04 9.22 8.90
C LYS B 6 -19.41 10.61 8.36
N PRO B 7 -19.66 11.60 9.24
CA PRO B 7 -20.06 12.94 8.75
C PRO B 7 -19.07 13.63 7.84
N GLY B 8 -17.77 13.36 7.96
CA GLY B 8 -16.81 13.93 7.04
C GLY B 8 -16.15 12.94 6.12
N GLN B 9 -16.62 11.69 6.10
CA GLN B 9 -15.98 10.65 5.30
C GLN B 9 -16.51 10.71 3.86
N PRO B 10 -15.65 10.90 2.85
CA PRO B 10 -16.09 10.89 1.46
C PRO B 10 -16.37 9.48 0.93
N NLE B 11 -16.87 9.39 -0.29
CA NLE B 11 -17.22 8.10 -0.88
C NLE B 11 -15.98 7.27 -1.23
O NLE B 11 -14.91 7.89 -1.58
CB NLE B 11 -18.05 8.26 -2.16
CG NLE B 11 -19.30 9.03 -1.83
CD NLE B 11 -20.06 9.57 -3.03
CE NLE B 11 -21.42 10.06 -2.61
N TYR B 12 -16.09 5.95 -1.17
CA TYR B 12 -14.98 5.08 -1.52
C TYR B 12 -15.47 3.95 -2.43
N HIS C 1 21.07 7.66 17.08
CA HIS C 1 21.67 8.87 16.54
C HIS C 1 20.68 9.55 15.59
N ALA C 2 20.03 8.75 14.74
CA ALA C 2 19.01 9.29 13.84
C ALA C 2 17.73 8.47 13.81
N LEU C 3 17.78 7.19 14.18
CA LEU C 3 16.61 6.33 14.22
C LEU C 3 16.44 5.81 15.64
N GLN C 4 15.23 5.93 16.17
CA GLN C 4 14.91 5.49 17.52
C GLN C 4 13.77 4.49 17.45
N LEU C 5 13.91 3.39 18.17
CA LEU C 5 12.93 2.32 18.16
C LEU C 5 12.14 2.32 19.47
N LYS C 6 10.86 1.97 19.36
CA LYS C 6 9.99 1.80 20.51
C LYS C 6 10.30 0.47 21.20
N PRO C 7 9.89 0.30 22.47
CA PRO C 7 10.22 -0.95 23.20
C PRO C 7 9.69 -2.23 22.57
N GLY C 8 8.58 -2.18 21.83
CA GLY C 8 8.10 -3.36 21.16
C GLY C 8 8.19 -3.29 19.64
N GLN C 9 8.83 -2.26 19.09
CA GLN C 9 8.89 -2.08 17.65
C GLN C 9 10.03 -2.90 17.07
N PRO C 10 9.76 -3.83 16.14
CA PRO C 10 10.82 -4.60 15.48
C PRO C 10 11.58 -3.80 14.44
N NLE C 11 12.62 -4.39 13.87
CA NLE C 11 13.46 -3.71 12.89
C NLE C 11 12.74 -3.51 11.55
O NLE C 11 11.89 -4.38 11.19
CB NLE C 11 14.75 -4.46 12.61
CG NLE C 11 15.51 -4.62 13.92
CD NLE C 11 16.66 -5.63 13.87
CE NLE C 11 17.50 -5.50 15.11
N TYR C 12 13.05 -2.44 10.83
CA TYR C 12 12.45 -2.19 9.53
C TYR C 12 13.54 -1.80 8.53
N ALA D 5 10.31 9.33 38.05
CA ALA D 5 9.70 8.18 38.73
C ALA D 5 9.69 8.37 40.24
N PRO D 6 8.70 9.13 40.75
CA PRO D 6 8.61 9.33 42.21
C PRO D 6 8.29 8.05 42.97
N SER D 7 7.20 7.37 42.63
CA SER D 7 6.77 6.15 43.32
C SER D 7 5.76 5.42 42.46
N LEU D 8 5.95 4.11 42.32
CA LEU D 8 5.01 3.28 41.57
C LEU D 8 3.78 2.97 42.41
N SER D 9 2.64 2.84 41.74
CA SER D 9 1.39 2.54 42.43
C SER D 9 1.35 1.06 42.80
N ASN D 10 0.34 0.70 43.61
CA ASN D 10 0.21 -0.69 44.04
C ASN D 10 -0.30 -1.57 42.91
N LEU D 11 -1.00 -0.98 41.94
CA LEU D 11 -1.56 -1.73 40.82
C LEU D 11 -0.50 -2.27 39.87
N PHE D 12 0.75 -1.84 40.02
CA PHE D 12 1.86 -2.43 39.28
C PHE D 12 2.15 -3.86 39.72
N TYR D 13 1.70 -4.25 40.91
CA TYR D 13 1.97 -5.58 41.46
C TYR D 13 0.73 -6.47 41.44
N ASP D 14 -0.24 -6.16 40.59
CA ASP D 14 -1.46 -6.95 40.49
C ASP D 14 -1.41 -7.75 39.20
N PRO D 15 -1.26 -9.08 39.25
CA PRO D 15 -1.23 -9.88 38.02
C PRO D 15 -2.52 -9.84 37.21
N THR D 16 -3.67 -9.72 37.86
CA THR D 16 -4.96 -9.82 37.20
C THR D 16 -5.58 -8.47 36.86
N TYR D 17 -4.84 -7.37 37.06
CA TYR D 17 -5.36 -6.05 36.71
C TYR D 17 -5.45 -5.91 35.19
N ASN D 18 -6.57 -5.36 34.73
CA ASN D 18 -6.85 -5.25 33.30
C ASN D 18 -6.91 -3.78 32.90
N PRO D 19 -5.85 -3.21 32.33
CA PRO D 19 -5.99 -1.93 31.63
C PRO D 19 -6.72 -2.16 30.32
N GLY D 20 -7.48 -1.13 29.90
CA GLY D 20 -8.43 -1.23 28.83
C GLY D 20 -9.87 -1.11 29.30
N GLN D 21 -10.16 -1.57 30.51
CA GLN D 21 -11.44 -1.34 31.16
C GLN D 21 -11.42 -0.11 32.06
N SER D 22 -10.30 0.60 32.12
CA SER D 22 -10.17 1.80 32.91
C SER D 22 -10.88 2.96 32.25
N THR D 23 -10.96 4.07 32.97
CA THR D 23 -11.80 5.21 32.63
C THR D 23 -10.95 6.37 32.13
N ILE D 24 -11.44 7.03 31.10
CA ILE D 24 -10.86 8.26 30.58
C ILE D 24 -11.92 9.35 30.76
N ASN D 25 -11.48 10.52 31.22
CA ASN D 25 -12.35 11.65 31.53
C ASN D 25 -12.04 12.81 30.59
N TYR D 26 -13.07 13.36 29.93
CA TYR D 26 -12.81 14.45 29.01
C TYR D 26 -14.01 15.38 28.96
N THR D 27 -13.76 16.58 28.41
CA THR D 27 -14.77 17.60 28.20
C THR D 27 -15.26 17.56 26.76
N SER D 28 -16.57 17.56 26.58
CA SER D 28 -17.19 17.47 25.27
C SER D 28 -18.11 18.68 25.08
N ILE D 29 -18.92 18.65 24.01
CA ILE D 29 -19.95 19.67 23.83
C ILE D 29 -21.05 19.54 24.87
N TYR D 30 -21.19 18.37 25.48
CA TYR D 30 -22.17 18.14 26.55
C TYR D 30 -21.58 18.39 27.94
N GLY D 31 -20.54 19.23 28.03
CA GLY D 31 -19.91 19.61 29.26
C GLY D 31 -18.60 18.89 29.54
N ASN D 32 -18.08 19.18 30.73
CA ASN D 32 -16.86 18.60 31.28
C ASN D 32 -17.12 17.31 32.08
N GLY D 33 -17.85 16.37 31.48
CA GLY D 33 -18.17 15.14 32.16
C GLY D 33 -18.21 13.88 31.32
N SER D 34 -17.88 13.94 30.03
CA SER D 34 -17.85 12.73 29.23
C SER D 34 -16.73 11.78 29.65
N THR D 35 -16.98 10.47 29.49
CA THR D 35 -16.08 9.40 29.89
C THR D 35 -16.06 8.35 28.78
N ILE D 36 -14.94 7.65 28.67
CA ILE D 36 -14.81 6.57 27.68
C ILE D 36 -13.85 5.52 28.26
N THR D 37 -13.85 4.32 27.67
CA THR D 37 -12.91 3.26 28.03
C THR D 37 -11.83 3.19 26.95
N PHE D 38 -10.68 2.63 27.33
CA PHE D 38 -9.55 2.53 26.40
C PHE D 38 -9.81 1.59 25.22
N ASP D 39 -10.79 0.70 25.32
CA ASP D 39 -11.05 -0.22 24.22
C ASP D 39 -11.98 0.35 23.16
N GLU D 40 -12.80 1.35 23.52
CA GLU D 40 -13.57 2.03 22.48
C GLU D 40 -12.74 3.08 21.78
N LEU D 41 -11.79 3.68 22.51
CA LEU D 41 -10.79 4.54 21.89
C LEU D 41 -9.90 3.73 20.94
N GLN D 42 -9.45 2.56 21.39
CA GLN D 42 -8.62 1.73 20.52
C GLN D 42 -9.40 1.17 19.34
N GLY D 43 -10.72 0.98 19.50
CA GLY D 43 -11.53 0.58 18.37
C GLY D 43 -11.77 1.70 17.37
N LEU D 44 -11.76 2.96 17.84
CA LEU D 44 -11.74 4.07 16.90
C LEU D 44 -10.41 4.20 16.18
N VAL D 45 -9.29 3.90 16.86
CA VAL D 45 -7.99 4.07 16.22
C VAL D 45 -7.68 2.93 15.25
N ASN D 46 -8.20 1.72 15.53
CA ASN D 46 -7.85 0.57 14.71
C ASN D 46 -8.59 0.55 13.39
N SER D 47 -9.65 1.35 13.26
CA SER D 47 -10.37 1.41 12.00
C SER D 47 -9.74 2.41 11.04
N THR D 48 -9.09 3.44 11.57
CA THR D 48 -8.25 4.30 10.73
C THR D 48 -6.99 3.57 10.31
N VAL D 49 -6.39 2.81 11.23
CA VAL D 49 -5.20 2.03 10.89
C VAL D 49 -5.55 0.93 9.89
N THR D 50 -6.80 0.46 9.87
CA THR D 50 -7.20 -0.55 8.91
C THR D 50 -7.64 0.06 7.57
N GLN D 51 -8.07 1.31 7.54
CA GLN D 51 -8.46 1.91 6.28
C GLN D 51 -7.32 2.69 5.63
N ALA D 52 -6.15 2.76 6.26
CA ALA D 52 -4.99 3.32 5.56
C ALA D 52 -4.14 2.26 4.83
N ILE D 53 -4.11 1.03 5.35
CA ILE D 53 -3.39 -0.08 4.71
C ILE D 53 -3.98 -0.39 3.34
N MET D 54 -5.31 -0.40 3.24
CA MET D 54 -6.00 -0.74 1.99
C MET D 54 -5.69 0.26 0.89
N PHE D 55 -5.75 1.55 1.22
CA PHE D 55 -5.52 2.58 0.22
C PHE D 55 -4.04 2.72 -0.12
N GLY D 56 -3.14 2.29 0.76
CA GLY D 56 -1.74 2.25 0.38
C GLY D 56 -1.45 1.11 -0.58
N VAL D 57 -2.11 -0.03 -0.36
CA VAL D 57 -2.05 -1.15 -1.30
C VAL D 57 -2.62 -0.75 -2.66
N ARG D 58 -3.71 0.02 -2.64
CA ARG D 58 -4.36 0.50 -3.86
C ARG D 58 -3.43 1.41 -4.65
N CYS D 59 -2.83 2.41 -3.98
CA CYS D 59 -1.91 3.33 -4.64
C CYS D 59 -0.72 2.60 -5.25
N GLY D 60 -0.17 1.61 -4.53
CA GLY D 60 0.98 0.86 -4.98
C GLY D 60 0.69 0.04 -6.22
N ALA D 61 -0.32 -0.84 -6.09
CA ALA D 61 -0.81 -1.65 -7.20
C ALA D 61 -1.13 -0.82 -8.44
N ALA D 62 -1.94 0.24 -8.29
CA ALA D 62 -2.34 1.02 -9.47
C ALA D 62 -1.17 1.73 -10.13
N ALA D 63 -0.19 2.21 -9.35
CA ALA D 63 0.97 2.88 -9.95
C ALA D 63 1.84 1.89 -10.72
N LEU D 64 2.02 0.70 -10.17
CA LEU D 64 2.86 -0.29 -10.82
C LEU D 64 2.11 -1.06 -11.88
N THR D 65 0.81 -0.86 -12.01
CA THR D 65 0.04 -1.43 -13.11
C THR D 65 0.04 -0.48 -14.29
N LEU D 66 -0.05 0.83 -14.00
CA LEU D 66 0.03 1.87 -15.02
C LEU D 66 1.33 1.79 -15.81
N ILE D 67 2.47 1.73 -15.10
CA ILE D 67 3.78 1.69 -15.78
C ILE D 67 3.88 0.44 -16.67
N VAL D 68 3.54 -0.73 -16.12
CA VAL D 68 3.70 -2.02 -16.80
C VAL D 68 2.83 -2.10 -18.04
N MET D 69 1.62 -1.53 -18.00
CA MET D 69 0.76 -1.48 -19.18
C MET D 69 1.34 -0.54 -20.23
N TRP D 70 1.98 0.55 -19.79
CA TRP D 70 2.64 1.44 -20.74
C TRP D 70 3.77 0.73 -21.46
N MET D 71 4.50 -0.14 -20.76
CA MET D 71 5.69 -0.78 -21.34
C MET D 71 5.43 -2.09 -22.07
N THR D 72 4.32 -2.77 -21.81
CA THR D 72 4.11 -4.10 -22.37
C THR D 72 2.91 -4.16 -23.31
N SER D 73 2.72 -3.18 -24.18
CA SER D 73 1.60 -3.18 -25.10
C SER D 73 2.07 -3.09 -26.55
N ARG D 74 1.45 -3.86 -27.43
CA ARG D 74 1.74 -3.84 -28.86
C ARG D 74 0.82 -2.88 -29.61
N SER D 75 -0.49 -3.01 -29.42
CA SER D 75 -1.47 -2.21 -30.15
C SER D 75 -2.00 -1.08 -29.28
N ARG D 76 -1.30 0.06 -29.30
CA ARG D 76 -1.80 1.27 -28.68
C ARG D 76 -2.74 1.99 -29.64
N LYS D 77 -3.19 3.18 -29.22
CA LYS D 77 -4.15 4.10 -29.87
C LYS D 77 -5.58 3.56 -29.82
N THR D 78 -5.81 2.42 -29.20
CA THR D 78 -7.12 1.83 -28.98
C THR D 78 -7.85 2.60 -27.88
N PRO D 79 -9.16 2.85 -28.04
CA PRO D 79 -9.92 3.51 -26.95
C PRO D 79 -9.94 2.73 -25.65
N ILE D 80 -10.00 1.38 -25.73
CA ILE D 80 -10.11 0.55 -24.53
C ILE D 80 -8.83 0.68 -23.71
N PHE D 81 -7.68 0.79 -24.39
CA PHE D 81 -6.39 0.99 -23.73
C PHE D 81 -6.38 2.32 -22.97
N ILE D 82 -6.81 3.40 -23.63
CA ILE D 82 -6.79 4.74 -23.02
C ILE D 82 -7.73 4.79 -21.82
N ILE D 83 -8.91 4.16 -21.92
CA ILE D 83 -9.87 4.19 -20.80
C ILE D 83 -9.33 3.36 -19.63
N ASN D 84 -8.78 2.18 -19.93
CA ASN D 84 -8.11 1.36 -18.90
C ASN D 84 -6.91 2.08 -18.30
N GLN D 85 -6.31 3.02 -19.02
CA GLN D 85 -5.09 3.66 -18.60
C GLN D 85 -5.37 4.94 -17.82
N VAL D 86 -6.57 5.50 -17.98
CA VAL D 86 -6.99 6.62 -17.13
C VAL D 86 -7.75 6.18 -15.89
N SER D 87 -8.27 4.94 -15.87
CA SER D 87 -8.90 4.46 -14.63
C SER D 87 -7.86 4.18 -13.56
N LEU D 88 -6.69 3.65 -13.96
CA LEU D 88 -5.60 3.43 -13.02
C LEU D 88 -5.00 4.75 -12.53
N PHE D 89 -5.18 5.84 -13.26
CA PHE D 89 -4.71 7.15 -12.82
C PHE D 89 -5.70 7.80 -11.86
N LEU D 90 -6.99 7.56 -12.07
CA LEU D 90 -7.96 8.13 -11.15
C LEU D 90 -8.01 7.35 -9.83
N ILE D 91 -7.56 6.08 -9.85
CA ILE D 91 -7.39 5.34 -8.60
C ILE D 91 -6.30 6.00 -7.75
N ILE D 92 -5.19 6.39 -8.38
CA ILE D 92 -4.06 6.96 -7.64
C ILE D 92 -4.42 8.36 -7.14
N LEU D 93 -5.21 9.12 -7.92
CA LEU D 93 -5.58 10.45 -7.47
C LEU D 93 -6.57 10.37 -6.31
N HIS D 94 -7.52 9.42 -6.38
CA HIS D 94 -8.44 9.16 -5.28
C HIS D 94 -7.70 8.75 -4.01
N SER D 95 -6.66 7.90 -4.15
CA SER D 95 -5.91 7.47 -2.97
C SER D 95 -5.05 8.59 -2.39
N ALA D 96 -4.55 9.50 -3.24
CA ALA D 96 -3.81 10.66 -2.75
C ALA D 96 -4.72 11.55 -1.91
N LEU D 97 -5.89 11.93 -2.34
CA LEU D 97 -6.74 12.87 -1.57
C LEU D 97 -7.35 12.17 -0.36
N TYR D 98 -7.33 10.85 -0.29
CA TYR D 98 -7.78 10.12 0.91
C TYR D 98 -6.67 10.09 1.95
N PHE D 99 -5.40 10.01 1.56
CA PHE D 99 -4.29 10.15 2.53
C PHE D 99 -4.35 11.58 3.03
N LYS D 100 -4.59 12.53 2.14
CA LYS D 100 -4.78 13.90 2.64
C LYS D 100 -5.92 13.95 3.66
N TYR D 101 -7.02 13.22 3.39
CA TYR D 101 -8.17 13.22 4.29
C TYR D 101 -7.82 12.53 5.61
N LEU D 102 -7.05 11.43 5.57
CA LEU D 102 -6.82 10.61 6.77
C LEU D 102 -5.96 11.30 7.82
N LEU D 103 -5.17 12.30 7.45
CA LEU D 103 -4.34 13.03 8.41
C LEU D 103 -4.91 14.38 8.78
N SER D 104 -6.17 14.65 8.41
CA SER D 104 -6.83 15.92 8.67
C SER D 104 -7.71 15.81 9.91
N ASN D 105 -8.26 16.97 10.26
CA ASN D 105 -9.01 17.14 11.52
C ASN D 105 -10.40 16.56 11.47
N TYR D 106 -10.86 16.09 10.34
CA TYR D 106 -12.20 15.49 10.22
C TYR D 106 -12.08 14.03 10.58
N SER D 107 -10.87 13.49 10.66
CA SER D 107 -10.66 12.06 11.02
C SER D 107 -9.87 11.97 12.32
N SER D 108 -9.91 12.96 13.18
CA SER D 108 -9.07 13.01 14.38
C SER D 108 -9.79 12.38 15.56
N VAL D 109 -9.08 12.00 16.61
CA VAL D 109 -9.74 11.55 17.83
C VAL D 109 -10.35 12.73 18.57
N THR D 110 -9.84 13.94 18.31
CA THR D 110 -10.35 15.16 18.94
C THR D 110 -11.78 15.45 18.51
N TYR D 111 -12.02 15.50 17.20
CA TYR D 111 -13.37 15.73 16.67
C TYR D 111 -14.30 14.58 17.03
N ALA D 112 -13.80 13.33 16.97
CA ALA D 112 -14.60 12.14 17.26
C ALA D 112 -15.14 12.17 18.69
N LEU D 113 -14.26 12.42 19.67
CA LEU D 113 -14.71 12.41 21.05
C LEU D 113 -15.39 13.72 21.44
N THR D 114 -14.80 14.85 21.04
CA THR D 114 -15.35 16.17 21.33
C THR D 114 -15.86 16.75 20.03
N GLY D 115 -17.18 16.73 19.83
CA GLY D 115 -17.76 17.19 18.59
C GLY D 115 -17.87 18.70 18.45
N PHE D 116 -16.77 19.41 18.63
CA PHE D 116 -16.76 20.87 18.53
C PHE D 116 -16.64 21.29 17.07
N PRO D 117 -17.55 22.12 16.55
CA PRO D 117 -17.44 22.57 15.17
C PRO D 117 -16.41 23.66 14.94
N GLN D 118 -15.73 24.13 15.99
CA GLN D 118 -14.65 25.11 15.80
C GLN D 118 -13.39 24.47 15.24
N PHE D 119 -13.28 23.14 15.32
CA PHE D 119 -12.11 22.42 14.86
C PHE D 119 -12.11 22.19 13.35
N ILE D 120 -13.24 22.44 12.68
CA ILE D 120 -13.39 22.24 11.25
C ILE D 120 -13.26 23.57 10.54
N SER D 121 -12.29 23.67 9.64
CA SER D 121 -12.08 24.88 8.86
C SER D 121 -12.60 24.68 7.44
N ARG D 122 -12.54 25.76 6.65
CA ARG D 122 -12.86 25.70 5.23
C ARG D 122 -11.59 25.35 4.46
N GLY D 123 -11.62 24.20 3.80
CA GLY D 123 -10.42 23.59 3.25
C GLY D 123 -10.46 22.11 3.56
N ASP D 124 -11.07 21.79 4.71
CA ASP D 124 -11.45 20.42 5.02
C ASP D 124 -12.71 20.01 4.26
N VAL D 125 -13.58 20.96 3.93
CA VAL D 125 -14.80 20.64 3.19
C VAL D 125 -14.52 20.57 1.69
N HIS D 126 -13.49 21.28 1.21
CA HIS D 126 -13.19 21.30 -0.20
C HIS D 126 -12.48 20.04 -0.67
N VAL D 127 -11.78 19.34 0.23
CA VAL D 127 -11.14 18.09 -0.14
C VAL D 127 -12.18 16.96 -0.12
N TYR D 128 -13.19 17.11 0.72
CA TYR D 128 -14.34 16.19 0.72
C TYR D 128 -15.12 16.31 -0.60
N GLY D 129 -15.40 17.55 -1.02
CA GLY D 129 -15.96 17.80 -2.34
C GLY D 129 -15.15 17.20 -3.47
N ALA D 130 -13.84 17.49 -3.50
CA ALA D 130 -12.98 17.02 -4.58
C ALA D 130 -12.94 15.50 -4.64
N THR D 131 -12.88 14.83 -3.48
CA THR D 131 -12.86 13.38 -3.44
C THR D 131 -14.17 12.79 -3.93
N ASN D 132 -15.30 13.45 -3.59
CA ASN D 132 -16.60 13.00 -4.11
C ASN D 132 -16.75 13.24 -5.60
N ILE D 133 -15.96 14.13 -6.20
CA ILE D 133 -16.03 14.28 -7.65
C ILE D 133 -15.11 13.29 -8.37
N ILE D 134 -13.99 12.92 -7.75
CA ILE D 134 -13.14 11.91 -8.39
C ILE D 134 -13.75 10.51 -8.28
N GLN D 135 -14.54 10.25 -7.22
CA GLN D 135 -15.23 8.96 -7.13
C GLN D 135 -16.25 8.75 -8.26
N VAL D 136 -16.87 9.82 -8.76
CA VAL D 136 -17.85 9.64 -9.82
C VAL D 136 -17.16 9.69 -11.17
N LEU D 137 -16.04 10.41 -11.27
CA LEU D 137 -15.25 10.34 -12.51
C LEU D 137 -14.49 9.03 -12.64
N LEU D 138 -14.46 8.20 -11.59
CA LEU D 138 -13.91 6.86 -11.70
C LEU D 138 -14.98 5.82 -12.04
N VAL D 139 -16.18 5.95 -11.47
CA VAL D 139 -17.29 5.07 -11.84
C VAL D 139 -17.67 5.27 -13.31
N ALA D 140 -17.58 6.51 -13.82
CA ALA D 140 -17.92 6.76 -15.22
C ALA D 140 -16.94 6.06 -16.17
N SER D 141 -15.66 6.06 -15.82
CA SER D 141 -14.64 5.36 -16.62
C SER D 141 -14.86 3.86 -16.61
N ILE D 142 -15.15 3.29 -15.43
CA ILE D 142 -15.46 1.85 -15.33
C ILE D 142 -16.63 1.47 -16.24
N GLU D 143 -17.72 2.26 -16.18
CA GLU D 143 -18.90 1.92 -16.97
C GLU D 143 -18.64 2.07 -18.47
N THR D 144 -17.93 3.12 -18.89
CA THR D 144 -17.66 3.27 -20.33
C THR D 144 -16.73 2.16 -20.85
N SER D 145 -15.79 1.70 -20.02
CA SER D 145 -14.95 0.55 -20.38
C SER D 145 -15.80 -0.70 -20.59
N LEU D 146 -16.75 -0.96 -19.66
CA LEU D 146 -17.59 -2.15 -19.79
C LEU D 146 -18.51 -2.06 -21.00
N VAL D 147 -18.95 -0.85 -21.37
CA VAL D 147 -19.86 -0.74 -22.50
C VAL D 147 -19.10 -0.85 -23.82
N PHE D 148 -17.82 -0.48 -23.85
CA PHE D 148 -17.06 -0.73 -25.06
C PHE D 148 -16.66 -2.20 -25.21
N GLN D 149 -16.37 -2.90 -24.11
CA GLN D 149 -16.10 -4.35 -24.22
C GLN D 149 -17.33 -5.11 -24.69
N ILE D 150 -18.52 -4.77 -24.17
CA ILE D 150 -19.75 -5.40 -24.66
C ILE D 150 -20.01 -5.02 -26.11
N LYS D 151 -19.76 -3.76 -26.50
CA LYS D 151 -19.97 -3.33 -27.87
C LYS D 151 -19.00 -3.98 -28.85
N VAL D 152 -17.90 -4.56 -28.37
CA VAL D 152 -16.95 -5.22 -29.26
C VAL D 152 -17.13 -6.76 -29.25
N ILE D 153 -17.77 -7.32 -28.21
CA ILE D 153 -17.95 -8.78 -28.14
C ILE D 153 -18.89 -9.28 -29.25
N PHE D 154 -20.13 -8.80 -29.28
CA PHE D 154 -21.14 -9.42 -30.12
C PHE D 154 -21.28 -8.79 -31.50
N THR D 155 -20.82 -7.55 -31.69
CA THR D 155 -20.91 -6.89 -32.98
C THR D 155 -19.97 -7.55 -33.99
N GLY D 156 -20.53 -7.98 -35.12
CA GLY D 156 -19.76 -8.68 -36.13
C GLY D 156 -20.58 -9.69 -36.91
N ASP D 157 -19.97 -10.84 -37.19
CA ASP D 157 -20.65 -11.91 -37.92
C ASP D 157 -21.70 -12.63 -37.07
N ASN D 158 -21.72 -12.40 -35.77
CA ASN D 158 -22.72 -13.00 -34.89
C ASN D 158 -24.11 -12.40 -35.16
N PHE D 159 -25.12 -13.06 -34.60
CA PHE D 159 -26.51 -12.63 -34.76
C PHE D 159 -26.73 -11.26 -34.11
N LYS D 160 -27.47 -10.41 -34.81
CA LYS D 160 -27.67 -9.02 -34.43
C LYS D 160 -28.86 -8.81 -33.50
N ARG D 161 -29.58 -9.86 -33.12
CA ARG D 161 -30.71 -9.70 -32.23
C ARG D 161 -30.26 -9.51 -30.78
N ILE D 162 -29.50 -10.49 -30.26
CA ILE D 162 -29.02 -10.44 -28.89
C ILE D 162 -28.00 -9.31 -28.72
N GLY D 163 -27.08 -9.17 -29.69
CA GLY D 163 -26.00 -8.21 -29.58
C GLY D 163 -26.45 -6.76 -29.49
N LEU D 164 -27.49 -6.41 -30.26
CA LEU D 164 -27.98 -5.04 -30.25
C LEU D 164 -28.72 -4.70 -28.95
N MET D 165 -29.34 -5.69 -28.32
CA MET D 165 -30.07 -5.42 -27.09
C MET D 165 -29.18 -5.48 -25.85
N LEU D 166 -28.06 -6.20 -25.89
CA LEU D 166 -27.26 -6.30 -24.67
C LEU D 166 -26.46 -5.02 -24.44
N THR D 167 -26.02 -4.37 -25.53
CA THR D 167 -25.48 -3.02 -25.44
C THR D 167 -26.51 -2.04 -24.88
N SER D 168 -27.80 -2.24 -25.16
CA SER D 168 -28.83 -1.35 -24.63
C SER D 168 -28.97 -1.49 -23.12
N ILE D 169 -29.07 -2.74 -22.62
CA ILE D 169 -29.15 -2.90 -21.15
C ILE D 169 -27.84 -2.48 -20.47
N SER D 170 -26.70 -2.54 -21.17
CA SER D 170 -25.46 -2.16 -20.49
C SER D 170 -25.27 -0.65 -20.47
N PHE D 171 -25.63 0.04 -21.56
CA PHE D 171 -25.70 1.49 -21.58
C PHE D 171 -26.66 2.02 -20.52
N THR D 172 -27.83 1.35 -20.38
CA THR D 172 -28.82 1.75 -19.39
C THR D 172 -28.27 1.62 -17.96
N LEU D 173 -27.66 0.46 -17.65
CA LEU D 173 -27.12 0.23 -16.32
C LEU D 173 -25.99 1.20 -16.00
N GLY D 174 -25.13 1.48 -16.98
CA GLY D 174 -24.03 2.40 -16.77
C GLY D 174 -24.51 3.83 -16.50
N ILE D 175 -25.44 4.31 -17.33
CA ILE D 175 -25.94 5.68 -17.16
C ILE D 175 -26.70 5.81 -15.84
N ALA D 176 -27.37 4.74 -15.39
CA ALA D 176 -28.10 4.80 -14.13
C ALA D 176 -27.15 4.84 -12.94
N THR D 177 -26.07 4.04 -13.02
CA THR D 177 -25.05 4.05 -11.96
C THR D 177 -24.39 5.41 -11.82
N VAL D 178 -23.98 6.00 -12.96
CA VAL D 178 -23.31 7.31 -12.94
C VAL D 178 -24.25 8.39 -12.43
N THR D 179 -25.52 8.37 -12.87
CA THR D 179 -26.48 9.37 -12.43
C THR D 179 -26.75 9.28 -10.93
N MET D 180 -26.89 8.05 -10.41
CA MET D 180 -27.16 7.87 -8.99
C MET D 180 -25.97 8.30 -8.14
N TYR D 181 -24.74 8.01 -8.60
CA TYR D 181 -23.54 8.48 -7.90
C TYR D 181 -23.49 10.01 -7.87
N PHE D 182 -23.80 10.65 -9.01
CA PHE D 182 -23.81 12.11 -9.08
C PHE D 182 -24.83 12.72 -8.13
N VAL D 183 -26.03 12.11 -8.05
CA VAL D 183 -27.09 12.61 -7.17
C VAL D 183 -26.65 12.54 -5.71
N SER D 184 -26.20 11.34 -5.29
CA SER D 184 -25.60 11.12 -3.96
C SER D 184 -24.56 12.17 -3.61
N ALA D 185 -23.59 12.37 -4.52
CA ALA D 185 -22.51 13.33 -4.29
C ALA D 185 -23.03 14.75 -4.09
N VAL D 186 -23.89 15.23 -5.02
CA VAL D 186 -24.33 16.62 -4.97
C VAL D 186 -25.23 16.89 -3.76
N LYS D 187 -25.92 15.86 -3.23
CA LYS D 187 -26.72 16.15 -2.05
C LYS D 187 -25.86 16.09 -0.80
N GLY D 188 -24.93 15.13 -0.73
CA GLY D 188 -24.00 15.07 0.39
C GLY D 188 -23.23 16.36 0.54
N MET D 189 -22.79 16.95 -0.59
CA MET D 189 -22.08 18.22 -0.54
C MET D 189 -22.96 19.35 0.00
N ILE D 190 -24.21 19.47 -0.50
CA ILE D 190 -25.16 20.45 0.05
C ILE D 190 -25.31 20.31 1.56
N VAL D 191 -25.57 19.09 2.02
CA VAL D 191 -25.74 18.79 3.45
C VAL D 191 -24.51 19.22 4.25
N THR D 192 -23.32 18.80 3.82
CA THR D 192 -22.09 19.11 4.55
C THR D 192 -21.80 20.61 4.56
N TYR D 193 -21.97 21.29 3.42
CA TYR D 193 -21.80 22.75 3.38
C TYR D 193 -22.81 23.47 4.29
N ASN D 194 -23.97 22.88 4.52
CA ASN D 194 -24.91 23.48 5.48
C ASN D 194 -24.46 23.26 6.92
N ASP D 195 -24.03 22.05 7.26
CA ASP D 195 -23.63 21.71 8.62
C ASP D 195 -22.50 20.70 8.55
N VAL D 196 -21.40 20.99 9.27
CA VAL D 196 -20.24 20.11 9.24
C VAL D 196 -20.51 18.79 9.95
N SER D 197 -21.42 18.77 10.93
CA SER D 197 -21.68 17.58 11.73
C SER D 197 -22.96 16.86 11.29
N ALA D 198 -23.25 16.88 10.00
CA ALA D 198 -24.45 16.25 9.45
C ALA D 198 -24.06 15.17 8.45
N THR D 199 -24.84 14.09 8.42
CA THR D 199 -24.57 12.94 7.57
C THR D 199 -25.80 12.62 6.73
N GLN D 200 -25.61 12.47 5.42
CA GLN D 200 -26.66 12.07 4.49
C GLN D 200 -26.21 10.80 3.79
N ASP D 201 -26.86 9.66 4.09
CA ASP D 201 -26.35 8.39 3.52
C ASP D 201 -27.45 7.40 3.11
N LYS D 202 -28.30 7.71 2.15
CA LYS D 202 -29.26 6.67 1.72
C LYS D 202 -28.92 6.27 0.30
N TYR D 203 -28.15 7.12 -0.38
CA TYR D 203 -27.91 6.86 -1.82
C TYR D 203 -26.54 6.22 -2.07
N PHE D 204 -25.78 5.87 -1.04
CA PHE D 204 -24.44 5.31 -1.32
C PHE D 204 -24.57 3.80 -1.37
N ASN D 205 -25.55 3.27 -0.69
CA ASN D 205 -25.81 1.85 -0.54
C ASN D 205 -26.74 1.31 -1.63
N ALA D 206 -27.12 2.11 -2.61
CA ALA D 206 -27.74 1.65 -3.84
C ALA D 206 -26.87 1.87 -5.06
N SER D 207 -25.95 2.84 -4.99
CA SER D 207 -24.97 3.02 -6.05
C SER D 207 -24.00 1.85 -6.08
N THR D 208 -23.63 1.34 -4.90
CA THR D 208 -22.73 0.19 -4.88
C THR D 208 -23.44 -1.05 -5.44
N ILE D 209 -24.76 -1.18 -5.20
CA ILE D 209 -25.49 -2.34 -5.71
C ILE D 209 -25.62 -2.26 -7.22
N LEU D 210 -25.56 -1.06 -7.81
CA LEU D 210 -25.72 -0.98 -9.25
C LEU D 210 -24.39 -1.13 -9.98
N LEU D 211 -23.30 -0.67 -9.36
CA LEU D 211 -21.96 -1.02 -9.84
C LEU D 211 -21.75 -2.55 -9.81
N ALA D 212 -22.16 -3.18 -8.70
CA ALA D 212 -22.07 -4.63 -8.57
C ALA D 212 -22.92 -5.34 -9.63
N SER D 213 -24.15 -4.84 -9.87
CA SER D 213 -25.04 -5.39 -10.88
C SER D 213 -24.39 -5.35 -12.27
N SER D 214 -23.78 -4.20 -12.63
CA SER D 214 -23.20 -4.06 -13.97
C SER D 214 -22.01 -5.01 -14.14
N ILE D 215 -21.17 -5.14 -13.10
CA ILE D 215 -20.06 -6.09 -13.16
C ILE D 215 -20.57 -7.54 -13.27
N ASN D 216 -21.64 -7.87 -12.53
CA ASN D 216 -22.22 -9.21 -12.62
C ASN D 216 -22.79 -9.48 -14.01
N PHE D 217 -23.31 -8.44 -14.66
CA PHE D 217 -23.83 -8.59 -16.02
C PHE D 217 -22.69 -8.85 -17.00
N MET D 218 -21.56 -8.17 -16.80
CA MET D 218 -20.39 -8.42 -17.66
C MET D 218 -19.84 -9.83 -17.46
N SER D 219 -19.92 -10.35 -16.23
CA SER D 219 -19.46 -11.72 -15.98
C SER D 219 -20.39 -12.73 -16.63
N PHE D 220 -21.71 -12.48 -16.56
CA PHE D 220 -22.68 -13.32 -17.24
C PHE D 220 -22.46 -13.34 -18.74
N VAL D 221 -22.18 -12.18 -19.34
CA VAL D 221 -22.02 -12.11 -20.80
C VAL D 221 -20.73 -12.81 -21.23
N LEU D 222 -19.70 -12.80 -20.37
CA LEU D 222 -18.46 -13.46 -20.75
C LEU D 222 -18.57 -14.98 -20.60
N VAL D 223 -19.29 -15.44 -19.57
CA VAL D 223 -19.62 -16.87 -19.44
C VAL D 223 -20.45 -17.35 -20.63
N VAL D 224 -21.44 -16.56 -21.05
CA VAL D 224 -22.21 -16.83 -22.27
C VAL D 224 -21.29 -17.02 -23.48
N LYS D 225 -20.39 -16.05 -23.70
CA LYS D 225 -19.43 -16.15 -24.81
C LYS D 225 -18.56 -17.40 -24.73
N LEU D 226 -18.26 -17.86 -23.51
CA LEU D 226 -17.41 -19.04 -23.37
C LEU D 226 -18.19 -20.33 -23.67
N ILE D 227 -19.44 -20.40 -23.20
CA ILE D 227 -20.29 -21.56 -23.49
C ILE D 227 -20.58 -21.63 -24.99
N LEU D 228 -20.70 -20.47 -25.65
CA LEU D 228 -20.94 -20.51 -27.09
C LEU D 228 -19.66 -20.76 -27.87
N ALA D 229 -18.50 -20.53 -27.27
CA ALA D 229 -17.24 -20.87 -27.92
C ALA D 229 -16.88 -22.34 -27.74
N ILE D 230 -17.43 -22.99 -26.71
CA ILE D 230 -17.28 -24.43 -26.61
C ILE D 230 -18.38 -25.14 -27.40
N ARG D 231 -19.51 -24.47 -27.65
CA ARG D 231 -20.60 -25.11 -28.38
C ARG D 231 -20.42 -25.00 -29.89
N SER D 232 -19.87 -23.88 -30.39
CA SER D 232 -19.70 -23.72 -31.83
C SER D 232 -18.63 -24.65 -32.39
N ARG D 233 -17.51 -24.82 -31.66
CA ARG D 233 -16.37 -25.59 -32.17
C ARG D 233 -16.72 -27.06 -32.41
N ARG D 234 -17.52 -27.65 -31.52
CA ARG D 234 -17.84 -29.08 -31.64
C ARG D 234 -18.73 -29.36 -32.84
N PHE D 235 -19.61 -28.41 -33.19
CA PHE D 235 -20.44 -28.53 -34.40
C PHE D 235 -19.58 -28.69 -35.65
N LEU D 236 -18.55 -27.86 -35.80
CA LEU D 236 -17.58 -28.01 -36.87
C LEU D 236 -16.56 -29.09 -36.50
N GLY D 237 -15.55 -29.26 -37.34
CA GLY D 237 -14.51 -30.24 -37.12
C GLY D 237 -13.24 -29.71 -36.49
N LEU D 238 -13.22 -28.45 -36.07
CA LEU D 238 -12.02 -27.85 -35.50
C LEU D 238 -11.75 -28.41 -34.09
N LYS D 239 -10.48 -28.37 -33.70
CA LYS D 239 -10.07 -28.88 -32.40
C LYS D 239 -10.47 -27.93 -31.28
N GLN D 240 -10.72 -28.48 -30.11
CA GLN D 240 -11.23 -27.72 -28.97
C GLN D 240 -10.07 -27.14 -28.16
N PHE D 241 -10.42 -26.44 -27.08
CA PHE D 241 -9.42 -25.95 -26.15
C PHE D 241 -8.89 -27.09 -25.29
N ASP D 242 -7.58 -27.14 -25.09
CA ASP D 242 -6.99 -28.20 -24.29
C ASP D 242 -7.10 -27.89 -22.80
N SER D 243 -6.47 -26.79 -22.36
CA SER D 243 -6.53 -26.36 -20.97
C SER D 243 -6.71 -24.85 -20.89
N PHE D 244 -7.52 -24.30 -21.80
CA PHE D 244 -7.77 -22.87 -21.84
C PHE D 244 -8.99 -22.48 -21.00
N HIS D 245 -9.91 -23.44 -20.77
CA HIS D 245 -11.09 -23.20 -19.96
C HIS D 245 -10.71 -22.83 -18.53
N ILE D 246 -9.72 -23.53 -17.98
CA ILE D 246 -9.32 -23.31 -16.59
C ILE D 246 -8.75 -21.91 -16.43
N LEU D 247 -7.93 -21.46 -17.40
CA LEU D 247 -7.37 -20.12 -17.36
C LEU D 247 -8.46 -19.07 -17.44
N LEU D 248 -9.34 -19.18 -18.45
CA LEU D 248 -10.44 -18.24 -18.66
C LEU D 248 -11.35 -18.14 -17.43
N ILE D 249 -11.87 -19.29 -16.97
CA ILE D 249 -12.82 -19.29 -15.86
C ILE D 249 -12.15 -18.86 -14.56
N MET D 250 -11.07 -19.57 -14.17
CA MET D 250 -10.44 -19.36 -12.87
C MET D 250 -9.73 -18.01 -12.78
N SER D 251 -8.72 -17.78 -13.63
CA SER D 251 -8.08 -16.47 -13.61
C SER D 251 -9.02 -15.44 -14.21
N CYS D 252 -8.81 -14.18 -13.89
CA CYS D 252 -9.87 -13.20 -14.11
C CYS D 252 -9.90 -12.67 -15.55
N GLN D 253 -9.93 -13.59 -16.52
CA GLN D 253 -10.33 -13.27 -17.88
C GLN D 253 -11.82 -12.96 -17.94
N SER D 254 -12.60 -13.61 -17.10
CA SER D 254 -13.96 -13.22 -16.78
C SER D 254 -14.03 -12.75 -15.33
N LEU D 255 -14.91 -11.80 -15.03
CA LEU D 255 -14.84 -11.06 -13.77
C LEU D 255 -15.54 -11.79 -12.63
N LEU D 256 -15.22 -13.07 -12.41
CA LEU D 256 -15.96 -13.85 -11.42
C LEU D 256 -15.53 -13.54 -9.99
N VAL D 257 -14.22 -13.41 -9.74
CA VAL D 257 -13.74 -13.12 -8.37
C VAL D 257 -14.26 -11.76 -7.86
N PRO D 258 -14.14 -10.63 -8.61
CA PRO D 258 -14.76 -9.39 -8.10
C PRO D 258 -16.27 -9.50 -7.91
N SER D 259 -16.93 -10.33 -8.73
CA SER D 259 -18.38 -10.49 -8.62
C SER D 259 -18.75 -11.26 -7.37
N ILE D 260 -17.98 -12.28 -7.00
CA ILE D 260 -18.22 -13.01 -5.77
C ILE D 260 -17.98 -12.12 -4.56
N ILE D 261 -16.91 -11.31 -4.60
CA ILE D 261 -16.64 -10.41 -3.47
C ILE D 261 -17.73 -9.36 -3.34
N PHE D 262 -18.25 -8.87 -4.49
CA PHE D 262 -19.37 -7.92 -4.43
C PHE D 262 -20.65 -8.55 -3.90
N ILE D 263 -20.95 -9.81 -4.27
CA ILE D 263 -22.18 -10.41 -3.77
C ILE D 263 -22.08 -10.82 -2.30
N LEU D 264 -20.87 -11.05 -1.78
CA LEU D 264 -20.75 -11.24 -0.34
C LEU D 264 -20.53 -9.94 0.43
N ALA D 265 -20.28 -8.83 -0.26
CA ALA D 265 -20.01 -7.59 0.46
C ALA D 265 -21.29 -6.94 1.00
N TYR D 266 -22.34 -6.86 0.19
CA TYR D 266 -23.56 -6.22 0.68
C TYR D 266 -24.61 -7.19 1.20
N SER D 267 -24.59 -8.46 0.80
CA SER D 267 -25.51 -9.43 1.39
C SER D 267 -25.25 -9.65 2.87
N LEU D 268 -23.97 -9.62 3.28
CA LEU D 268 -23.62 -9.90 4.70
C LEU D 268 -23.85 -8.64 5.55
N LYS D 269 -24.11 -8.81 6.84
CA LYS D 269 -24.32 -7.65 7.77
C LYS D 269 -22.99 -6.92 8.01
N PRO D 270 -22.99 -5.59 8.24
CA PRO D 270 -21.75 -4.82 8.40
C PRO D 270 -20.74 -5.34 9.44
N ASN D 271 -21.18 -6.17 10.39
CA ASN D 271 -20.26 -6.60 11.45
C ASN D 271 -19.30 -7.70 11.00
N GLN D 272 -19.27 -8.05 9.72
CA GLN D 272 -18.31 -9.05 9.22
C GLN D 272 -17.41 -8.46 8.14
N GLY D 273 -16.90 -7.25 8.37
CA GLY D 273 -16.00 -6.62 7.43
C GLY D 273 -16.63 -6.23 6.11
N THR D 274 -17.81 -5.64 6.08
CA THR D 274 -18.47 -5.34 4.79
C THR D 274 -17.77 -4.15 4.10
N ASP D 275 -17.11 -3.29 4.88
CA ASP D 275 -16.42 -2.11 4.32
C ASP D 275 -15.06 -2.52 3.77
N VAL D 276 -14.46 -3.56 4.32
CA VAL D 276 -13.17 -4.06 3.81
C VAL D 276 -13.39 -4.83 2.52
N LEU D 277 -14.62 -5.11 2.12
CA LEU D 277 -14.82 -5.98 0.97
C LEU D 277 -15.06 -5.21 -0.32
N THR D 278 -15.89 -4.16 -0.27
CA THR D 278 -16.12 -3.32 -1.43
C THR D 278 -14.85 -2.60 -1.88
N THR D 279 -13.98 -2.24 -0.93
CA THR D 279 -12.74 -1.53 -1.27
C THR D 279 -11.76 -2.47 -1.98
N VAL D 280 -11.77 -3.75 -1.60
CA VAL D 280 -10.95 -4.73 -2.31
C VAL D 280 -11.56 -5.05 -3.66
N ALA D 281 -12.90 -5.01 -3.76
CA ALA D 281 -13.54 -5.47 -4.99
C ALA D 281 -13.50 -4.39 -6.08
N THR D 282 -13.46 -3.11 -5.69
CA THR D 282 -13.26 -2.05 -6.68
C THR D 282 -11.85 -2.09 -7.25
N LEU D 283 -10.85 -2.33 -6.38
CA LEU D 283 -9.48 -2.52 -6.84
C LEU D 283 -9.35 -3.71 -7.77
N LEU D 284 -10.00 -4.82 -7.44
CA LEU D 284 -9.87 -6.01 -8.27
C LEU D 284 -10.60 -5.85 -9.60
N ALA D 285 -11.71 -5.10 -9.63
CA ALA D 285 -12.38 -4.81 -10.90
C ALA D 285 -11.51 -3.93 -11.80
N VAL D 286 -10.95 -2.84 -11.25
CA VAL D 286 -10.13 -1.94 -12.06
C VAL D 286 -8.82 -2.63 -12.47
N LEU D 287 -8.34 -3.60 -11.68
CA LEU D 287 -7.14 -4.33 -12.04
C LEU D 287 -7.43 -5.47 -13.00
N SER D 288 -8.68 -5.93 -13.07
CA SER D 288 -9.06 -7.03 -13.93
C SER D 288 -9.65 -6.58 -15.25
N LEU D 289 -9.93 -5.28 -15.42
CA LEU D 289 -10.35 -4.79 -16.74
C LEU D 289 -9.35 -5.06 -17.87
N PRO D 290 -8.01 -4.91 -17.72
CA PRO D 290 -7.09 -5.33 -18.80
C PRO D 290 -7.19 -6.81 -19.16
N LEU D 291 -7.53 -7.68 -18.21
CA LEU D 291 -7.63 -9.10 -18.52
C LEU D 291 -8.98 -9.47 -19.09
N SER D 292 -10.03 -8.74 -18.69
CA SER D 292 -11.33 -8.98 -19.29
C SER D 292 -11.42 -8.39 -20.68
N SER D 293 -10.51 -7.48 -21.04
CA SER D 293 -10.58 -6.83 -22.34
C SER D 293 -9.81 -7.57 -23.42
N MET D 294 -8.96 -8.54 -23.07
CA MET D 294 -8.28 -9.35 -24.09
C MET D 294 -9.16 -10.50 -24.58
N TRP D 295 -9.87 -11.15 -23.65
CA TRP D 295 -10.78 -12.23 -24.00
C TRP D 295 -11.98 -11.70 -24.79
N ALA D 296 -12.45 -10.50 -24.43
CA ALA D 296 -13.62 -9.90 -25.07
C ALA D 296 -13.42 -9.66 -26.56
N THR D 297 -12.25 -9.16 -26.96
CA THR D 297 -11.92 -9.04 -28.38
C THR D 297 -10.96 -10.16 -28.78
N ALA D 298 -11.55 -11.34 -29.00
CA ALA D 298 -10.83 -12.53 -29.43
C ALA D 298 -11.71 -13.28 -30.40
N ALA D 299 -11.08 -13.96 -31.37
CA ALA D 299 -11.81 -14.68 -32.39
C ALA D 299 -12.59 -15.85 -31.80
N ASN D 300 -13.90 -15.86 -32.07
CA ASN D 300 -14.78 -16.86 -31.45
C ASN D 300 -14.57 -18.23 -32.07
N ASN D 301 -14.47 -18.30 -33.40
CA ASN D 301 -14.28 -19.58 -34.07
C ASN D 301 -13.26 -19.52 -35.21
N ALA D 302 -12.67 -18.36 -35.50
CA ALA D 302 -11.66 -18.27 -36.55
C ALA D 302 -10.38 -19.00 -36.16
N SER D 303 -9.95 -18.86 -34.92
CA SER D 303 -8.71 -19.50 -34.47
C SER D 303 -8.96 -20.95 -34.05
C1 NAG E . -7.90 16.34 35.67
C2 NAG E . -9.11 16.83 36.47
C3 NAG E . -8.69 17.89 37.42
C4 NAG E . -7.65 17.42 38.39
C5 NAG E . -6.41 16.86 37.68
C6 NAG E . -6.03 15.50 38.19
C7 NAG E . -11.35 16.59 35.25
C8 NAG E . -12.40 17.10 34.27
N2 NAG E . -10.14 17.34 35.50
O3 NAG E . -9.85 18.36 38.16
O4 NAG E . -7.25 18.50 39.24
O5 NAG E . -6.56 16.80 36.21
O6 NAG E . -6.53 15.30 39.48
O7 NAG E . -11.55 15.56 35.81
C1 NAG F . -7.03 8.50 43.30
C2 NAG F . -8.52 8.31 43.67
C3 NAG F . -8.83 8.30 45.13
C4 NAG F . -7.86 7.49 45.95
C5 NAG F . -6.42 7.90 45.66
C6 NAG F . -5.50 7.01 46.44
C7 NAG F . -9.35 10.78 43.14
C8 NAG F . -10.31 11.62 42.32
N2 NAG F . -9.37 9.32 42.96
O3 NAG F . -10.16 7.74 45.31
O4 NAG F . -8.14 7.70 47.34
O5 NAG F . -6.12 7.75 44.23
O6 NAG F . -5.84 5.67 46.24
O7 NAG F . -8.61 11.32 43.91
CAA Y01 G . 24.37 -21.61 12.82
CBA Y01 G . 24.11 -20.14 12.53
CAB Y01 G . 25.42 -19.44 12.15
CAN Y01 G . 23.45 -19.45 13.73
CAJ Y01 G . 24.26 -19.42 15.00
CAO Y01 G . 23.53 -18.76 16.15
CBB Y01 G . 24.34 -18.61 17.45
CAC Y01 G . 25.51 -17.65 17.23
CBE Y01 G . 23.41 -18.19 18.60
CAP Y01 G . 22.05 -18.95 18.57
CAQ Y01 G . 21.59 -19.14 20.02
CBG Y01 G . 22.51 -18.20 20.81
CBI Y01 G . 23.88 -18.34 20.09
CAE Y01 G . 24.52 -19.72 20.31
CAU Y01 G . 24.77 -17.22 20.65
CAS Y01 G . 24.88 -17.29 22.18
CBF Y01 G . 23.52 -17.24 22.88
CBD Y01 G . 22.56 -18.32 22.33
CAK Y01 G . 21.17 -18.14 22.92
CAI Y01 G . 21.17 -17.75 24.36
CAZ Y01 G . 22.25 -17.40 25.06
CAV Y01 G . 22.14 -17.09 26.54
CBH Y01 G . 23.63 -17.28 24.43
CAD Y01 G . 24.48 -18.47 24.92
CAT Y01 G . 24.28 -15.96 24.91
CAR Y01 G . 24.16 -15.69 26.40
CBC Y01 G . 22.72 -15.73 26.85
OAW Y01 G . 22.58 -15.50 28.28
CAY Y01 G . 22.78 -14.27 28.76
OAG Y01 G . 23.87 -13.79 28.95
CAM Y01 G . 21.48 -13.52 28.95
CAL Y01 G . 21.10 -13.17 30.38
CAX Y01 G . 22.02 -12.19 31.08
OAH Y01 G . 21.62 -11.04 31.29
OAF Y01 G . 23.14 -12.61 31.45
CAA Y01 H . 8.82 11.24 -12.00
CBA Y01 H . 7.54 10.50 -11.64
CAB Y01 H . 7.54 10.14 -10.16
CAN Y01 H . 7.35 9.26 -12.52
CAJ Y01 H . 8.39 8.18 -12.35
CAO Y01 H . 8.19 7.01 -13.30
CBB Y01 H . 9.29 5.95 -13.28
CAC Y01 H . 8.98 4.90 -12.22
CBE Y01 H . 9.48 5.38 -14.71
CAP Y01 H . 9.60 6.51 -15.77
CAQ Y01 H . 10.61 6.05 -16.83
CBG Y01 H . 10.72 4.55 -16.57
CBI Y01 H . 10.69 4.42 -15.04
CAE Y01 H . 11.98 4.97 -14.37
CAU Y01 H . 10.50 2.93 -14.73
CAS Y01 H . 11.59 2.07 -15.38
CBF Y01 H . 11.70 2.28 -16.90
CBD Y01 H . 11.84 3.77 -17.26
CAK Y01 H . 11.77 3.95 -18.77
CAI Y01 H . 12.55 2.91 -19.52
CAZ Y01 H . 13.04 1.80 -19.00
CAV Y01 H . 13.85 0.84 -19.84
CBH Y01 H . 12.81 1.39 -17.55
CAD Y01 H . 14.15 1.53 -16.80
CAT Y01 H . 12.34 -0.08 -17.51
CAR Y01 H . 13.22 -1.02 -18.35
CBC Y01 H . 13.30 -0.57 -19.78
OAW Y01 H . 14.22 -1.44 -20.50
CAY Y01 H . 14.29 -1.33 -21.82
OAG Y01 H . 15.19 -0.81 -22.39
CAM Y01 H . 13.12 -2.00 -22.49
CAL Y01 H . 12.23 -1.10 -23.32
CAX Y01 H . 11.08 -1.80 -24.02
OAH Y01 H . 10.29 -1.13 -24.71
OAF Y01 H . 10.99 -3.04 -23.89
CAA Y01 I . 12.98 1.32 -9.95
CBA Y01 I . 11.95 2.44 -10.08
CAB Y01 I . 11.78 3.17 -8.75
CAN Y01 I . 10.62 1.91 -10.60
CAJ Y01 I . 9.89 0.97 -9.67
CAO Y01 I . 9.11 -0.09 -10.41
CBB Y01 I . 9.95 -1.21 -11.05
CAC Y01 I . 10.23 -2.31 -10.02
CBE Y01 I . 9.28 -1.72 -12.34
CAP Y01 I . 8.59 -0.58 -13.13
CAQ Y01 I . 8.71 -0.92 -14.62
CBG Y01 I . 9.24 -2.34 -14.64
CBI Y01 I . 10.16 -2.43 -13.42
CAE Y01 I . 11.47 -1.66 -13.61
CAU Y01 I . 10.44 -3.93 -13.21
CAS Y01 I . 11.07 -4.57 -14.46
CBF Y01 I . 10.27 -4.34 -15.76
CBD Y01 I . 9.86 -2.87 -15.93
CAK Y01 I . 8.89 -2.73 -17.10
CAI Y01 I . 9.31 -3.54 -18.28
CAZ Y01 I . 10.29 -4.43 -18.28
CAV Y01 I . 10.75 -5.08 -19.57
CBH Y01 I . 11.00 -4.90 -17.01
CAD Y01 I . 12.47 -4.43 -17.08
CAT Y01 I . 10.94 -6.45 -17.00
CAR Y01 I . 11.42 -7.09 -18.30
CBC Y01 I . 10.65 -6.58 -19.49
OAW Y01 I . 11.23 -7.10 -20.72
CAY Y01 I . 11.05 -8.38 -21.02
OAG Y01 I . 11.85 -9.23 -20.74
CAM Y01 I . 9.76 -8.63 -21.75
CAL Y01 I . 9.63 -7.97 -23.11
CAX Y01 I . 8.84 -6.68 -23.13
OAH Y01 I . 9.27 -5.72 -22.46
OAF Y01 I . 7.79 -6.63 -23.81
CAA Y01 J . 39.03 -3.53 7.38
CBA Y01 J . 37.97 -3.95 6.37
CAB Y01 J . 37.85 -2.91 5.27
CAN Y01 J . 36.62 -4.18 7.06
CAJ Y01 J . 36.09 -3.03 7.88
CAO Y01 J . 34.70 -3.24 8.39
CBB Y01 J . 34.06 -2.05 9.10
CAC Y01 J . 33.07 -1.34 8.19
CBE Y01 J . 33.45 -2.47 10.46
CAP Y01 J . 34.20 -3.66 11.10
CAQ Y01 J . 34.08 -3.51 12.63
CBG Y01 J . 33.08 -2.37 12.80
CBI Y01 J . 33.36 -1.43 11.62
CAE Y01 J . 34.71 -0.70 11.77
CAU Y01 J . 32.21 -0.43 11.57
CAS Y01 J . 32.06 0.33 12.89
CBF Y01 J . 31.89 -0.59 14.11
CBD Y01 J . 32.97 -1.69 14.17
CAK Y01 J . 32.64 -2.70 15.25
CAI Y01 J . 32.08 -2.07 16.50
CAZ Y01 J . 31.79 -0.79 16.62
CAV Y01 J . 31.41 -0.21 17.98
CBH Y01 J . 31.79 0.19 15.45
CAD Y01 J . 32.97 1.15 15.64
CAT Y01 J . 30.46 0.98 15.48
CAR Y01 J . 30.13 1.59 16.84
CBC Y01 J . 30.09 0.53 17.92
OAW Y01 J . 29.91 1.12 19.24
CAY Y01 J . 28.67 1.46 19.65
OAG Y01 J . 27.93 2.15 19.02
CAM Y01 J . 28.33 0.84 20.97
CAL Y01 J . 29.30 1.05 22.11
CAX Y01 J . 30.05 -0.19 22.55
OAH Y01 J . 29.40 -1.14 23.02
OAF Y01 J . 31.29 -0.22 22.41
CAA Y01 K . 10.23 7.29 -9.17
CBA Y01 K . 11.49 7.90 -8.58
CAB Y01 K . 12.25 6.86 -7.76
CAN Y01 K . 11.18 9.14 -7.74
CAJ Y01 K . 10.21 8.93 -6.60
CAO Y01 K . 9.97 10.19 -5.80
CBB Y01 K . 10.45 10.14 -4.33
CAC Y01 K . 11.98 10.10 -4.28
CBE Y01 K . 9.85 11.32 -3.54
CAP Y01 K . 8.38 11.64 -3.98
CAQ Y01 K . 7.62 12.10 -2.73
CBG Y01 K . 8.72 12.37 -1.71
CBI Y01 K . 9.75 11.24 -1.97
CAE Y01 K . 9.23 9.86 -1.55
CAU Y01 K . 11.01 11.62 -1.19
CAS Y01 K . 10.71 11.80 0.31
CBF Y01 K . 9.60 12.84 0.58
CBD Y01 K . 8.34 12.56 -0.25
CAK Y01 K . 7.35 13.72 -0.10
CAI Y01 K . 7.27 14.24 1.30
CAZ Y01 K . 8.07 13.89 2.29
CAV Y01 K . 7.82 14.38 3.70
CBH Y01 K . 9.29 12.98 2.10
CAD Y01 K . 8.99 11.63 2.75
CAT Y01 K . 10.50 13.65 2.80
CAR Y01 K . 10.21 14.11 4.23
CBC Y01 K . 9.04 15.07 4.27
OAW Y01 K . 8.70 15.47 5.63
CAY Y01 K . 9.37 16.47 6.20
OAG Y01 K . 10.47 16.82 5.86
CAM Y01 K . 8.56 17.15 7.27
CAL Y01 K . 7.73 16.26 8.16
CAX Y01 K . 8.51 15.21 8.93
OAH Y01 K . 9.41 15.58 9.70
OAF Y01 K . 8.20 14.01 8.76
CAA Y01 L . 4.60 -14.03 -2.03
CBA Y01 L . 3.12 -13.71 -2.10
CAB Y01 L . 2.42 -14.10 -0.81
CAN Y01 L . 2.46 -14.36 -3.31
CAJ Y01 L . 2.64 -15.86 -3.43
CAO Y01 L . 1.76 -16.47 -4.49
CBB Y01 L . 2.45 -17.51 -5.40
CAC Y01 L . 2.00 -18.92 -5.02
CBE Y01 L . 2.18 -17.16 -6.88
CAP Y01 L . 2.41 -15.64 -7.16
CAQ Y01 L . 3.04 -15.53 -8.56
CBG Y01 L . 2.74 -16.87 -9.19
CBI Y01 L . 2.97 -17.88 -8.04
CAE Y01 L . 4.46 -17.99 -7.65
CAU Y01 L . 2.42 -19.22 -8.52
CAS Y01 L . 3.07 -19.67 -9.83
CBF Y01 L . 2.92 -18.63 -10.96
CBD Y01 L . 3.40 -17.23 -10.51
CAK Y01 L . 3.06 -16.20 -11.58
CAI Y01 L . 3.30 -16.69 -12.96
CAZ Y01 L . 3.64 -17.94 -13.28
CAV Y01 L . 4.00 -18.30 -14.70
CBH Y01 L . 3.59 -19.09 -12.29
CAD Y01 L . 5.02 -19.61 -12.07
CAT Y01 L . 2.72 -20.22 -12.92
CAR Y01 L . 3.11 -20.58 -14.35
CBC Y01 L . 3.07 -19.37 -15.25
OAW Y01 L . 3.56 -19.72 -16.58
CAY Y01 L . 3.46 -18.82 -17.55
OAG Y01 L . 2.60 -17.99 -17.60
CAM Y01 L . 4.55 -18.97 -18.57
CAL Y01 L . 4.55 -20.25 -19.37
CAX Y01 L . 3.30 -20.49 -20.20
OAH Y01 L . 3.01 -19.64 -21.07
OAF Y01 L . 2.62 -21.50 -19.96
CAA Y01 M . 13.69 -20.59 1.82
CBA Y01 M . 12.68 -19.65 1.20
CAB Y01 M . 11.73 -19.10 2.27
CAN Y01 M . 11.91 -20.33 0.07
CAJ Y01 M . 11.22 -19.41 -0.91
CAO Y01 M . 10.29 -20.12 -1.87
CBB Y01 M . 10.96 -21.18 -2.78
CAC Y01 M . 10.39 -22.56 -2.46
CBE Y01 M . 10.81 -20.78 -4.26
CAP Y01 M . 11.08 -19.26 -4.50
CAQ Y01 M . 11.79 -19.11 -5.85
CBG Y01 M . 11.57 -20.46 -6.51
CBI Y01 M . 11.71 -21.47 -5.35
CAE Y01 M . 13.15 -21.59 -4.85
CAU Y01 M . 11.20 -22.82 -5.90
CAS Y01 M . 11.96 -23.25 -7.16
CBF Y01 M . 11.93 -22.19 -8.28
CBD Y01 M . 12.37 -20.80 -7.77
CAK Y01 M . 12.14 -19.75 -8.85
CAI Y01 M . 12.51 -20.22 -10.21
CAZ Y01 M . 12.78 -21.48 -10.54
CAV Y01 M . 13.19 -21.83 -11.96
CBH Y01 M . 12.70 -22.63 -9.55
CAD Y01 M . 14.14 -23.08 -9.22
CAT Y01 M . 11.92 -23.80 -10.22
CAR Y01 M . 12.39 -24.13 -11.64
CBC Y01 M . 12.32 -22.93 -12.52
OAW Y01 M . 12.82 -23.26 -13.85
CAY Y01 M . 12.13 -24.12 -14.59
OAG Y01 M . 12.44 -25.26 -14.75
CAM Y01 M . 10.93 -23.48 -15.24
CAL Y01 M . 11.23 -22.36 -16.22
CAX Y01 M . 12.03 -22.79 -17.44
OAH Y01 M . 11.56 -23.68 -18.18
OAF Y01 M . 13.14 -22.24 -17.65
CAA Y01 N . 33.46 -14.21 13.22
CBA Y01 N . 32.57 -14.61 12.06
CAB Y01 N . 33.00 -13.88 10.79
CAN Y01 N . 31.10 -14.36 12.36
CAJ Y01 N . 30.56 -15.07 13.59
CAO Y01 N . 29.31 -14.40 14.17
CBB Y01 N . 28.73 -15.04 15.43
CAC Y01 N . 29.06 -16.53 15.51
CBE Y01 N . 29.12 -14.27 16.72
CAP Y01 N . 30.01 -13.01 16.43
CAQ Y01 N . 29.62 -11.94 17.46
CBG Y01 N . 28.82 -12.72 18.50
CBI Y01 N . 28.01 -13.73 17.66
CAE Y01 N . 26.90 -13.04 16.85
CAU Y01 N . 27.40 -14.73 18.66
CAS Y01 N . 26.55 -14.03 19.71
CBF Y01 N . 27.32 -12.95 20.49
CBD Y01 N . 28.02 -11.95 19.55
CAK Y01 N . 28.95 -11.03 20.35
CAI Y01 N . 28.36 -10.62 21.67
CAZ Y01 N . 27.22 -11.08 22.18
CAV Y01 N . 26.66 -10.48 23.45
CBH Y01 N . 26.44 -12.24 21.57
CAD Y01 N . 25.14 -11.68 20.95
CAT Y01 N . 26.11 -13.25 22.68
CAR Y01 N . 25.53 -12.61 23.95
CBC Y01 N . 26.44 -11.55 24.49
OAW Y01 N . 25.87 -10.93 25.68
CAY Y01 N . 26.10 -11.48 26.87
OAG Y01 N . 26.56 -12.57 27.01
CAM Y01 N . 25.76 -10.55 28.00
CAL Y01 N . 26.90 -10.18 28.93
CAX Y01 N . 27.96 -9.28 28.33
OAH Y01 N . 28.62 -9.71 27.37
OAF Y01 N . 28.13 -8.16 28.83
CAA Y01 O . 33.29 5.02 -2.33
CBA Y01 O . 31.92 5.52 -1.91
CAB Y01 O . 31.42 6.57 -2.89
CAN Y01 O . 31.93 6.07 -0.48
CAJ Y01 O . 32.12 5.04 0.61
CAO Y01 O . 32.36 5.65 1.97
CBB Y01 O . 31.11 6.22 2.67
CAC Y01 O . 29.96 5.22 2.56
CBE Y01 O . 31.45 6.62 4.13
CAP Y01 O . 32.82 7.35 4.23
CAQ Y01 O . 32.66 8.47 5.26
CBG Y01 O . 31.41 8.07 6.03
CBI Y01 O . 30.47 7.53 4.94
CAE Y01 O . 29.92 8.64 4.02
CAU Y01 O . 29.32 6.83 5.67
CAS Y01 O . 28.59 7.79 6.62
CBF Y01 O . 29.52 8.48 7.63
CBD Y01 O . 30.76 9.09 6.97
CAK Y01 O . 31.75 9.55 8.04
CAI Y01 O . 31.08 10.20 9.22
CAZ Y01 O . 29.77 10.29 9.37
CAV Y01 O . 29.17 11.16 10.46
CBH Y01 O . 28.77 9.51 8.53
CAD Y01 O . 27.97 10.52 7.68
CAT Y01 O . 27.82 8.76 9.48
CAR Y01 O . 27.19 9.65 10.55
CBC Y01 O . 28.24 10.37 11.37
OAW Y01 O . 27.50 11.30 12.22
CAY Y01 O . 28.17 12.27 12.85
OAG Y01 O . 29.11 12.08 13.56
CAM Y01 O . 27.58 13.63 12.54
CAL Y01 O . 26.10 13.80 12.79
CAX Y01 O . 25.45 14.94 12.03
OAH Y01 O . 26.16 15.63 11.28
OAF Y01 O . 24.22 15.12 12.18
CAA Y01 P . 6.64 2.25 -6.48
CBA Y01 P . 7.15 3.62 -6.86
CAB Y01 P . 8.64 3.72 -6.60
CAN Y01 P . 6.39 4.73 -6.12
CAJ Y01 P . 6.51 4.72 -4.63
CAO Y01 P . 5.71 5.81 -3.96
CBB Y01 P . 6.11 6.13 -2.52
CAC Y01 P . 7.55 6.61 -2.46
CBE Y01 P . 5.11 7.14 -1.90
CAP Y01 P . 3.64 6.80 -2.30
CAQ Y01 P . 2.74 7.23 -1.12
CBG Y01 P . 3.67 8.07 -0.25
CBI Y01 P . 5.03 7.35 -0.35
CAE Y01 P . 5.02 5.99 0.37
CAU Y01 P . 6.07 8.29 0.28
CAS Y01 P . 5.69 8.70 1.70
CBF Y01 P . 4.30 9.35 1.79
CBD Y01 P . 3.22 8.45 1.15
CAK Y01 P . 1.89 9.20 1.10
CAI Y01 P . 1.62 10.06 2.30
CAZ Y01 P . 2.49 10.33 3.25
CAV Y01 P . 2.09 11.21 4.42
CBH Y01 P . 3.94 9.83 3.23
CAD Y01 P . 4.07 8.69 4.25
CAT Y01 P . 4.89 10.99 3.60
CAR Y01 P . 4.44 11.83 4.80
CBC Y01 P . 3.05 12.36 4.59
OAW Y01 P . 2.62 13.30 5.63
CAY Y01 P . 2.84 13.01 6.92
OAG Y01 P . 2.51 11.97 7.43
CAM Y01 P . 3.52 14.12 7.64
CAL Y01 P . 3.81 13.91 9.11
CAX Y01 P . 2.58 13.68 9.98
OAH Y01 P . 2.52 12.65 10.67
OAF Y01 P . 1.67 14.55 9.96
CAA Y01 Q . 8.42 -18.86 4.32
CBA Y01 Q . 7.06 -19.56 4.26
CAB Y01 Q . 6.02 -18.64 3.61
CAN Y01 Q . 6.61 -20.01 5.64
CAJ Y01 Q . 6.33 -18.91 6.63
CAO Y01 Q . 6.05 -19.42 8.01
CBB Y01 Q . 5.66 -18.37 9.05
CAC Y01 Q . 4.38 -17.66 8.62
CBE Y01 Q . 5.57 -19.03 10.44
CAP Y01 Q . 6.81 -19.94 10.72
CAQ Y01 Q . 7.10 -19.87 12.23
CBG Y01 Q . 5.85 -19.21 12.80
CBI Y01 Q . 5.45 -18.16 11.75
CAE Y01 Q . 6.45 -16.99 11.69
CAU Y01 Q . 4.06 -17.66 12.13
CAS Y01 Q . 4.00 -17.14 13.57
CBF Y01 Q . 4.46 -18.19 14.60
CBD Y01 Q . 5.86 -18.74 14.25
CAK Y01 Q . 6.23 -19.88 15.18
CAI Y01 Q . 5.82 -19.65 16.59
CAZ Y01 Q . 5.03 -18.67 17.01
CAV Y01 Q . 4.71 -18.52 18.48
CBH Y01 Q . 4.37 -17.67 16.07
CAD Y01 Q . 5.06 -16.31 16.24
CAT Y01 Q . 2.87 -17.55 16.44
CAR Y01 Q . 2.61 -17.38 17.94
CBC Y01 Q . 3.23 -18.50 18.72
OAW Y01 Q . 3.02 -18.31 20.16
CAY Y01 Q . 1.79 -18.44 20.64
OAG Y01 Q . 1.22 -17.59 21.25
CAM Y01 Q . 1.24 -19.82 20.39
CAL Y01 Q . 0.71 -20.57 21.61
CAX Y01 Q . 1.76 -20.89 22.65
OAH Y01 Q . 1.61 -20.45 23.80
OAF Y01 Q . 2.74 -21.60 22.30
CAA Y01 R . 2.84 -16.70 1.86
CBA Y01 R . 2.53 -15.63 2.88
CAB Y01 R . 3.76 -14.80 3.19
CAN Y01 R . 1.92 -16.23 4.16
CAJ Y01 R . 1.54 -15.24 5.22
CAO Y01 R . 0.82 -15.89 6.38
CBB Y01 R . 0.81 -15.06 7.69
CAC Y01 R . 0.14 -13.71 7.46
CBE Y01 R . 0.16 -15.89 8.83
CAP Y01 R . 0.63 -17.37 8.81
CAQ Y01 R . 0.79 -17.83 10.27
CBG Y01 R . 0.01 -16.77 11.04
CBI Y01 R . 0.36 -15.45 10.32
CAE Y01 R . 1.81 -15.03 10.56
CAU Y01 R . -0.61 -14.39 10.86
CAS Y01 R . -0.53 -14.27 12.39
CBF Y01 R . -0.78 -15.61 13.12
CBD Y01 R . 0.13 -16.74 12.56
CAK Y01 R . -0.28 -18.08 13.17
CAI Y01 R . -0.61 -17.99 14.62
CAZ Y01 R . -0.73 -16.86 15.31
CAV Y01 R . -0.96 -16.89 16.81
CBH Y01 R . -0.69 -15.48 14.66
CAD Y01 R . 0.61 -14.78 15.10
CAT Y01 R . -1.91 -14.68 15.15
CAR Y01 R . -2.10 -14.68 16.67
CBC Y01 R . -2.18 -16.09 17.22
OAW Y01 R . -2.45 -16.18 18.66
CAY Y01 R . -1.50 -15.80 19.56
OAG Y01 R . -0.56 -15.11 19.33
CAM Y01 R . -1.82 -16.35 20.93
CAL Y01 R . -2.88 -15.63 21.73
CAX Y01 R . -2.49 -14.23 22.20
OAH Y01 R . -2.27 -13.36 21.34
OAF Y01 R . -2.41 -14.04 23.43
CAA Y01 S . 10.67 -20.54 7.77
CBA Y01 S . 10.41 -19.07 8.05
CAB Y01 S . 11.09 -18.20 7.00
CAN Y01 S . 10.87 -18.68 9.46
CAJ Y01 S . 12.34 -18.84 9.73
CAO Y01 S . 12.74 -18.44 11.13
CBB Y01 S . 12.16 -19.32 12.26
CAC Y01 S . 12.68 -20.75 12.11
CBE Y01 S . 12.47 -18.70 13.64
CAP Y01 S . 12.29 -17.15 13.62
CAQ Y01 S . 11.80 -16.74 15.02
CBG Y01 S . 12.04 -17.98 15.86
CBI Y01 S . 11.69 -19.15 14.90
CAE Y01 S . 10.18 -19.22 14.61
CAU Y01 S . 12.17 -20.44 15.59
CAS Y01 S . 11.56 -20.60 16.99
CBF Y01 S . 11.84 -19.40 17.91
CBD Y01 S . 11.43 -18.07 17.25
CAK Y01 S . 11.88 -16.89 18.11
CAI Y01 S . 11.77 -17.14 19.58
CAZ Y01 S . 11.45 -18.29 20.14
CAV Y01 S . 11.29 -18.40 21.65
CBH Y01 S . 11.26 -19.59 19.34
CAD Y01 S . 9.75 -19.90 19.31
CAT Y01 S . 12.02 -20.73 20.05
CAR Y01 S . 11.81 -20.80 21.56
CBC Y01 S . 12.16 -19.49 22.21
OAW Y01 S . 11.94 -19.51 23.66
CAY Y01 S . 12.89 -20.04 24.43
OAG Y01 S . 13.85 -20.63 24.01
CAM Y01 S . 12.65 -19.75 25.89
CAL Y01 S . 11.50 -18.81 26.21
CAX Y01 S . 11.36 -18.46 27.68
OAH Y01 S . 11.16 -19.39 28.50
OAF Y01 S . 11.46 -17.26 28.01
CAA Y01 T . 35.25 -9.30 7.29
CBA Y01 T . 36.03 -10.22 8.22
CAB Y01 T . 35.42 -11.62 8.20
CAN Y01 T . 36.07 -9.66 9.63
CAJ Y01 T . 34.73 -9.37 10.27
CAO Y01 T . 34.84 -9.00 11.72
CBB Y01 T . 33.52 -8.68 12.43
CAC Y01 T . 32.57 -9.88 12.32
CBE Y01 T . 33.79 -8.24 13.88
CAP Y01 T . 34.94 -7.19 13.95
CAQ Y01 T . 34.63 -6.26 15.14
CBG Y01 T . 33.51 -6.98 15.89
CBI Y01 T . 32.66 -7.60 14.76
CAE Y01 T . 31.90 -6.52 13.95
CAU Y01 T . 31.67 -8.56 15.44
CAS Y01 T . 30.85 -7.86 16.52
CBF Y01 T . 31.72 -7.19 17.59
CBD Y01 T . 32.74 -6.24 16.97
CAK Y01 T . 33.71 -5.73 18.04
CAI Y01 T . 33.03 -5.44 19.35
CAZ Y01 T . 31.79 -5.74 19.65
CAV Y01 T . 31.20 -5.34 20.98
CBH Y01 T . 30.87 -6.53 18.71
CAD Y01 T . 29.83 -5.55 18.14
CAT Y01 T . 30.17 -7.65 19.52
CAR Y01 T . 29.57 -7.18 20.85
CBC Y01 T . 30.62 -6.53 21.72
OAW Y01 T . 30.01 -6.07 22.96
CAY Y01 T . 29.53 -6.98 23.80
OAG Y01 T . 28.37 -7.10 24.06
CAM Y01 T . 30.63 -7.79 24.44
CAL Y01 T . 31.71 -7.01 25.19
CAX Y01 T . 31.19 -6.17 26.36
OAH Y01 T . 30.62 -6.76 27.29
OAF Y01 T . 31.36 -4.94 26.31
CAA Y01 U . -0.53 -11.08 -4.06
CBA Y01 U . -1.27 -12.27 -3.50
CAB Y01 U . -0.99 -13.52 -4.34
CAN Y01 U . -0.93 -12.51 -2.03
CAJ Y01 U . -1.32 -13.85 -1.46
CAO Y01 U . -1.27 -13.89 0.05
CBB Y01 U . -2.50 -13.35 0.78
CAC Y01 U . -3.62 -14.39 0.72
CBE Y01 U . -2.10 -12.93 2.22
CAP Y01 U . -0.88 -11.97 2.21
CAQ Y01 U . -1.06 -10.99 3.38
CBG Y01 U . -2.17 -11.62 4.21
CBI Y01 U . -3.13 -12.21 3.16
CAE Y01 U . -3.88 -11.11 2.38
CAU Y01 U . -4.12 -13.10 3.93
CAS Y01 U . -4.84 -12.33 5.05
CBF Y01 U . -3.87 -11.67 6.04
CBD Y01 U . -2.82 -10.80 5.32
CAK Y01 U . -1.77 -10.30 6.31
CAI Y01 U . -2.35 -9.90 7.62
CAZ Y01 U . -3.60 -10.11 8.01
CAV Y01 U . -4.10 -9.57 9.34
CBH Y01 U . -4.61 -10.91 7.19
CAD Y01 U . -5.66 -9.94 6.63
CAT Y01 U . -5.29 -11.94 8.12
CAR Y01 U . -5.79 -11.36 9.43
CBC Y01 U . -4.69 -10.67 10.18
OAW Y01 U . -5.16 -10.05 11.43
CAY Y01 U . -5.29 -10.82 12.51
OAG Y01 U . -6.02 -11.77 12.57
CAM Y01 U . -4.36 -10.40 13.62
CAL Y01 U . -4.59 -9.03 14.23
CAX Y01 U . -5.75 -8.96 15.21
OAH Y01 U . -6.03 -7.85 15.71
OAF Y01 U . -6.37 -10.01 15.47
CAA Y01 V . 18.82 -16.72 11.69
CBA Y01 V . 18.58 -18.21 11.50
CAB Y01 V . 17.22 -18.44 10.87
CAN Y01 V . 18.74 -18.97 12.81
CAJ Y01 V . 17.78 -18.58 13.91
CAO Y01 V . 17.99 -19.38 15.17
CBB Y01 V . 16.95 -19.13 16.28
CAC Y01 V . 16.12 -20.39 16.51
CBE Y01 V . 17.66 -18.62 17.57
CAP Y01 V . 18.65 -17.45 17.25
CAQ Y01 V . 18.61 -16.48 18.44
CBG Y01 V . 17.92 -17.29 19.53
CBI Y01 V . 16.83 -18.08 18.79
CAE Y01 V . 15.69 -17.17 18.29
CAU Y01 V . 16.29 -19.12 19.79
CAS Y01 V . 15.81 -18.48 21.08
CBF Y01 V . 16.87 -17.61 21.77
CBD Y01 V . 17.47 -16.57 20.80
CAK Y01 V . 18.64 -15.85 21.45
CAI Y01 V . 18.43 -15.56 22.90
CAZ Y01 V . 17.42 -16.00 23.64
CAV Y01 V . 17.26 -15.56 25.07
CBH Y01 V . 16.38 -16.99 23.10
CAD Y01 V . 15.05 -16.23 22.93
CAT Y01 V . 16.19 -18.13 24.13
CAR Y01 V . 16.02 -17.65 25.58
CBC Y01 V . 17.15 -16.75 26.01
OAW Y01 V . 17.15 -16.35 27.42
CAY Y01 V . 16.04 -15.84 27.98
OAG Y01 V . 15.19 -15.23 27.38
CAM Y01 V . 15.98 -16.13 29.45
CAL Y01 V . 17.18 -15.69 30.28
CAX Y01 V . 17.42 -14.19 30.30
OAH Y01 V . 17.31 -13.59 31.38
OAF Y01 V . 17.77 -13.63 29.24
CAA Y01 W . 35.74 2.10 2.21
CBA Y01 W . 34.56 1.25 2.66
CAB Y01 W . 33.26 1.83 2.13
CAN Y01 W . 34.52 1.10 4.17
CAJ Y01 W . 34.51 2.38 4.96
CAO Y01 W . 34.21 2.18 6.44
CBB Y01 W . 32.91 2.83 6.94
CAC Y01 W . 31.70 2.23 6.22
CBE Y01 W . 32.82 2.73 8.48
CAP Y01 W . 34.21 2.89 9.16
CAQ Y01 W . 33.98 3.59 10.51
CBG Y01 W . 32.47 3.52 10.70
CBI Y01 W . 31.91 3.73 9.28
CAE Y01 W . 32.12 5.15 8.76
CAU Y01 W . 30.42 3.39 9.35
CAS Y01 W . 29.69 4.24 10.39
CBF Y01 W . 30.30 4.15 11.80
CBD Y01 W . 31.82 4.39 11.78
CAK Y01 W . 32.42 4.08 13.14
CAI Y01 W . 31.55 4.52 14.28
CAZ Y01 W . 30.33 5.02 14.15
CAV Y01 W . 29.60 5.59 15.35
CBH Y01 W . 29.58 5.05 12.84
CAD Y01 W . 29.50 6.51 12.35
CAT Y01 W . 28.15 4.50 13.07
CAR Y01 W . 27.43 5.13 14.25
CBC Y01 W . 28.23 4.98 15.53
OAW Y01 W . 27.60 5.69 16.64
CAY Y01 W . 26.28 5.64 16.77
OAG Y01 W . 25.54 6.54 16.43
CAM Y01 W . 25.80 4.38 17.44
CAL Y01 W . 25.15 4.54 18.81
CAX Y01 W . 23.93 5.44 18.83
OAH Y01 W . 23.96 6.47 19.54
OAF Y01 W . 22.94 5.13 18.14
C1 NAG X . -16.89 21.23 35.49
C2 NAG X . -15.79 21.83 36.38
C3 NAG X . -16.23 22.84 37.38
C4 NAG X . -17.26 23.81 36.88
C5 NAG X . -18.43 23.08 36.24
C6 NAG X . -19.41 24.08 35.70
C7 NAG X . -15.51 19.79 38.05
C8 NAG X . -14.53 18.75 38.61
N2 NAG X . -15.00 20.74 37.05
O3 NAG X . -15.06 23.60 37.81
O4 NAG X . -17.75 24.59 37.97
O5 NAG X . -17.95 22.23 35.14
O6 NAG X . -18.71 25.06 34.97
O7 NAG X . -16.62 19.77 38.42
C1 NAG Y . -13.80 10.70 36.01
C2 NAG Y . -13.39 11.20 37.41
C3 NAG Y . -13.75 10.24 38.49
C4 NAG Y . -15.15 9.72 38.41
C5 NAG Y . -15.49 9.24 36.99
C6 NAG Y . -16.92 8.82 36.94
C7 NAG Y . -10.81 10.64 37.30
C8 NAG Y . -9.38 11.19 37.43
N2 NAG Y . -11.93 11.56 37.48
O3 NAG Y . -13.58 10.88 39.79
O4 NAG Y . -15.28 8.63 39.32
O5 NAG Y . -15.25 10.29 35.99
O6 NAG Y . -17.07 7.88 35.91
O7 NAG Y . -10.95 9.49 37.05
CAA Y01 Z . 5.46 6.68 -9.19
CBA Y01 Z . 3.95 6.80 -9.02
CAB Y01 Z . 3.27 6.85 -10.38
CAN Y01 Z . 3.58 8.00 -8.16
CAJ Y01 Z . 4.09 9.33 -8.65
CAO Y01 Z . 3.46 10.50 -7.94
CBB Y01 Z . 4.07 10.88 -6.59
CAC Y01 Z . 5.22 11.87 -6.80
CBE Y01 Z . 2.97 11.40 -5.64
CAP Y01 Z . 1.75 10.42 -5.59
CAQ Y01 Z . 1.16 10.48 -4.18
CBG Y01 Z . 1.82 11.71 -3.57
CBI Y01 Z . 3.26 11.68 -4.12
CAE Y01 Z . 4.09 10.53 -3.52
CAU Y01 Z . 3.88 13.04 -3.77
CAS Y01 Z . 3.82 13.34 -2.27
CBF Y01 Z . 2.39 13.26 -1.69
CBD Y01 Z . 1.70 11.93 -2.07
CAK Y01 Z . 0.24 11.97 -1.65
CAI Y01 Z . 0.03 12.61 -0.31
CAZ Y01 Z . 0.95 13.26 0.38
CAV Y01 Z . 0.65 13.78 1.77
CBH Y01 Z . 2.34 13.57 -0.17
CAD Y01 Z . 3.36 12.73 0.61
CAT Y01 Z . 2.63 15.07 0.05
CAR Y01 Z . 2.35 15.55 1.47
CBC Y01 Z . 0.92 15.26 1.87
OAW Y01 Z . 0.63 15.63 3.26
CAY Y01 Z . 0.35 16.91 3.54
OAG Y01 Z . 1.03 17.84 3.22
CAM Y01 Z . -0.97 17.04 4.25
CAL Y01 Z . -1.30 16.01 5.32
CAX Y01 Z . -0.33 15.97 6.49
OAH Y01 Z . -0.74 16.33 7.61
OAF Y01 Z . 0.82 15.55 6.28
CAA Y01 AA . -9.21 16.33 -11.63
CBA Y01 AA . -10.29 16.88 -12.55
CAB Y01 AA . -9.70 17.93 -13.48
CAN Y01 AA . -11.46 17.45 -11.75
CAJ Y01 AA . -11.11 18.55 -10.77
CAO Y01 AA . -12.33 19.20 -10.17
CBB Y01 AA . -12.05 20.44 -9.30
CAC Y01 AA . -11.33 21.50 -10.13
CBE Y01 AA . -13.37 20.95 -8.66
CAP Y01 AA . -14.26 19.78 -8.16
CAQ Y01 AA . -15.03 20.29 -6.93
CBG Y01 AA . -14.79 21.80 -6.95
CBI Y01 AA . -13.32 21.93 -7.44
CAE Y01 AA . -12.31 21.43 -6.39
CAU Y01 AA . -13.09 23.42 -7.75
CAS Y01 AA . -13.42 24.31 -6.54
CBF Y01 AA . -14.84 24.11 -6.00
CBD Y01 AA . -15.14 22.63 -5.71
CAK Y01 AA . -16.62 22.44 -5.37
CAI Y01 AA . -17.18 23.56 -4.54
CAZ Y01 AA . -16.55 24.68 -4.24
CAV Y01 AA . -17.19 25.69 -3.31
CBH Y01 AA . -15.18 25.04 -4.80
CAD Y01 AA . -14.14 24.90 -3.68
CAT Y01 AA . -15.22 26.50 -5.31
CAR Y01 AA . -15.85 27.49 -4.33
CBC Y01 AA . -17.24 27.06 -3.95
OAW Y01 AA . -17.82 27.99 -2.98
CAY Y01 AA . -17.96 29.27 -3.33
OAG Y01 AA . -17.49 30.17 -2.71
CAM Y01 AA . -18.90 29.44 -4.52
CAL Y01 AA . -20.34 28.96 -4.34
CAX Y01 AA . -21.15 29.72 -3.30
OAH Y01 AA . -22.15 30.36 -3.68
OAF Y01 AA . -20.79 29.65 -2.10
CAA Y01 BA . -31.83 5.09 -18.52
CBA Y01 BA . -33.01 6.03 -18.66
CAB Y01 BA . -32.54 7.39 -19.16
CAN Y01 BA . -33.78 6.17 -17.34
CAJ Y01 BA . -33.01 6.77 -16.20
CAO Y01 BA . -33.89 7.16 -15.04
CBB Y01 BA . -33.17 7.80 -13.83
CAC Y01 BA . -32.18 8.85 -14.32
CBE Y01 BA . -34.21 8.34 -12.84
CAP Y01 BA . -35.40 7.35 -12.64
CAQ Y01 BA . -35.89 7.50 -11.19
CBG Y01 BA . -35.19 8.76 -10.70
CBI Y01 BA . -33.80 8.69 -11.36
CAE Y01 BA . -32.93 7.57 -10.77
CAU Y01 BA . -33.14 10.06 -11.14
CAS Y01 BA . -33.09 10.44 -9.65
CBF Y01 BA . -34.47 10.41 -8.98
CBD Y01 BA . -35.20 9.08 -9.21
CAK Y01 BA . -36.63 9.16 -8.69
CAI Y01 BA . -36.75 9.91 -7.41
CAZ Y01 BA . -35.78 10.60 -6.83
CAV Y01 BA . -35.98 11.24 -5.47
CBH Y01 BA . -34.40 10.80 -7.48
CAD Y01 BA . -33.38 9.94 -6.71
CAT Y01 BA . -34.02 12.30 -7.36
CAR Y01 BA . -34.23 12.89 -5.97
CBC Y01 BA . -35.65 12.71 -5.51
OAW Y01 BA . -35.87 13.23 -4.16
CAY Y01 BA . -36.09 14.54 -4.00
OAG Y01 BA . -35.93 15.35 -4.87
CAM Y01 BA . -36.62 14.86 -2.63
CAL Y01 BA . -35.87 14.29 -1.46
CAX Y01 BA . -34.40 14.68 -1.38
OAH Y01 BA . -34.12 15.89 -1.33
OAF Y01 BA . -33.55 13.77 -1.37
CAA Y01 CA . -31.54 -1.10 -16.00
CBA Y01 CA . -33.03 -1.28 -15.81
CAB Y01 CA . -33.80 -0.34 -16.73
CAN Y01 CA . -33.44 -1.09 -14.36
CAJ Y01 CA . -33.28 0.31 -13.81
CAO Y01 CA . -33.98 0.51 -12.49
CBB Y01 CA . -33.73 1.85 -11.80
CAC Y01 CA . -34.04 3.01 -12.75
CBE Y01 CA . -34.52 1.93 -10.47
CAP Y01 CA . -34.59 0.54 -9.76
CAQ Y01 CA . -34.56 0.81 -8.24
CBG Y01 CA . -34.86 2.30 -8.15
CBI Y01 CA . -34.09 2.91 -9.34
CAE Y01 CA . -32.57 2.85 -9.14
CAU Y01 CA . -34.57 4.37 -9.46
CAS Y01 CA . -34.39 5.15 -8.16
CBF Y01 CA . -35.07 4.48 -6.95
CBD Y01 CA . -34.67 3.01 -6.81
CAK Y01 CA . -35.50 2.33 -5.72
CAI Y01 CA . -35.75 3.20 -4.54
CAZ Y01 CA . -35.43 4.48 -4.46
CAV Y01 CA . -35.63 5.24 -3.16
CBH Y01 CA . -34.90 5.29 -5.63
CAD Y01 CA . -33.42 5.61 -5.36
CAT Y01 CA . -35.71 6.60 -5.74
CAR Y01 CA . -35.87 7.35 -4.42
CBC Y01 CA . -36.48 6.47 -3.36
OAW Y01 CA . -36.56 7.17 -2.08
CAY Y01 CA . -37.43 8.17 -1.96
OAG Y01 CA . -37.19 9.31 -2.22
CAM Y01 CA . -38.76 7.68 -1.43
CAL Y01 CA . -38.74 6.99 -0.08
CAX Y01 CA . -38.15 7.83 1.04
OAH Y01 CA . -38.73 8.88 1.36
OAF Y01 CA . -37.12 7.40 1.62
CAA Y01 DA . -3.37 -16.40 -4.36
CBA Y01 DA . -4.22 -16.20 -5.61
CAB Y01 DA . -4.58 -17.55 -6.23
CAN Y01 DA . -3.52 -15.29 -6.62
CAJ Y01 DA . -2.33 -15.89 -7.33
CAO Y01 DA . -1.62 -14.91 -8.24
CBB Y01 DA . -2.43 -14.37 -9.43
CAC Y01 DA . -2.58 -12.86 -9.30
CBE Y01 DA . -1.79 -14.83 -10.76
CAP Y01 DA . -1.49 -16.35 -10.77
CAQ Y01 DA . -1.80 -16.87 -12.18
CBG Y01 DA . -1.81 -15.62 -13.02
CBI Y01 DA . -2.53 -14.58 -12.13
CAE Y01 DA . -4.03 -14.89 -11.98
CAU Y01 DA . -2.33 -13.21 -12.80
CAS Y01 DA . -2.80 -13.20 -14.26
CBF Y01 DA . -2.15 -14.30 -15.11
CBD Y01 DA . -2.30 -15.69 -14.46
CAK Y01 DA . -1.51 -16.73 -15.24
CAI Y01 DA . -1.59 -16.55 -16.72
CAZ Y01 DA . -2.08 -15.49 -17.34
CAV Y01 DA . -2.14 -15.45 -18.85
CBH Y01 DA . -2.61 -14.27 -16.60
CAD Y01 DA . -4.15 -14.26 -16.72
CAT Y01 DA . -2.03 -13.00 -17.27
CAR Y01 DA . -2.15 -12.98 -18.79
CBC Y01 DA . -1.49 -14.20 -19.40
OAW Y01 DA . -1.63 -14.25 -20.85
CAY Y01 DA . -0.86 -13.45 -21.61
OAG Y01 DA . -0.93 -12.26 -21.59
CAM Y01 DA . 0.07 -14.23 -22.51
CAL Y01 DA . 0.07 -15.75 -22.37
CAX Y01 DA . 0.78 -16.27 -21.13
OAH Y01 DA . 0.68 -17.49 -20.87
OAF Y01 DA . 1.45 -15.47 -20.44
CAA Y01 EA . -6.09 -10.76 -11.47
CBA Y01 EA . -5.97 -9.91 -10.21
CAB Y01 EA . -7.34 -9.44 -9.74
CAN Y01 EA . -5.02 -8.73 -10.42
CAJ Y01 EA . -3.56 -9.07 -10.40
CAO Y01 EA . -2.68 -7.95 -10.96
CBB Y01 EA . -2.82 -7.68 -12.46
CAC Y01 EA . -3.29 -6.25 -12.69
CBE Y01 EA . -1.51 -8.01 -13.21
CAP Y01 EA . -0.82 -9.29 -12.65
CAQ Y01 EA . -0.23 -10.06 -13.84
CBG Y01 EA . -0.24 -9.04 -14.97
CBI Y01 EA . -1.55 -8.25 -14.77
CAE Y01 EA . -2.79 -9.08 -15.12
CAU Y01 EA . -1.44 -7.02 -15.67
CAS Y01 EA . -1.23 -7.40 -17.14
CBF Y01 EA . -0.04 -8.35 -17.37
CBD Y01 EA . -0.04 -9.54 -16.40
CAK Y01 EA . 1.28 -10.32 -16.52
CAI Y01 EA . 1.70 -10.49 -17.94
CAZ Y01 EA . 1.12 -9.92 -18.98
CAV Y01 EA . 1.49 -10.31 -20.40
CBH Y01 EA . 0.06 -8.82 -18.86
CAD Y01 EA . -1.28 -9.39 -19.36
CAT Y01 EA . 0.50 -7.64 -19.74
CAR Y01 EA . 0.85 -8.05 -21.18
CBC Y01 EA . 1.93 -9.11 -21.21
OAW Y01 EA . 2.07 -9.59 -22.57
CAY Y01 EA . 2.74 -8.85 -23.44
OAG Y01 EA . 3.57 -8.04 -23.13
CAM Y01 EA . 2.31 -9.12 -24.86
CAL Y01 EA . 3.27 -9.92 -25.72
CAX Y01 EA . 2.82 -10.10 -27.16
OAH Y01 EA . 1.73 -9.59 -27.51
OAF Y01 EA . 3.55 -10.77 -27.93
CAA Y01 FA . -29.09 -7.15 -14.90
CBA Y01 FA . -30.59 -7.41 -14.89
CAB Y01 FA . -31.29 -6.53 -15.91
CAN Y01 FA . -31.18 -7.21 -13.49
CAJ Y01 FA . -30.75 -5.94 -12.82
CAO Y01 FA . -31.58 -5.62 -11.61
CBB Y01 FA . -31.26 -4.26 -10.97
CAC Y01 FA . -31.14 -3.19 -12.05
CBE Y01 FA . -32.32 -3.91 -9.91
CAP Y01 FA . -33.21 -5.13 -9.55
CAQ Y01 FA . -33.69 -4.92 -8.10
CBG Y01 FA . -33.17 -3.53 -7.73
CBI Y01 FA . -31.86 -3.40 -8.52
CAE Y01 FA . -30.75 -4.31 -7.97
CAU Y01 FA . -31.45 -1.92 -8.44
CAS Y01 FA . -31.31 -1.46 -6.98
CBF Y01 FA . -32.57 -1.71 -6.15
CBD Y01 FA . -33.05 -3.16 -6.26
CAK Y01 FA . -34.39 -3.33 -5.55
CAI Y01 FA . -34.45 -2.58 -4.26
CAZ Y01 FA . -33.51 -1.78 -3.81
CAV Y01 FA . -33.53 -1.25 -2.38
CBH Y01 FA . -32.36 -1.29 -4.67
CAD Y01 FA . -31.05 -1.86 -4.10
CAT Y01 FA . -32.33 0.25 -4.59
CAR Y01 FA . -32.30 0.76 -3.14
CBC Y01 FA . -33.48 0.26 -2.35
OAW Y01 FA . -33.34 0.68 -0.95
CAY Y01 FA . -32.73 1.82 -0.67
OAG Y01 FA . -31.64 1.89 -0.18
CAM Y01 FA . -33.59 3.02 -0.99
CAL Y01 FA . -34.82 3.20 -0.14
CAX Y01 FA . -34.52 3.45 1.32
OAH Y01 FA . -33.84 4.45 1.62
OAF Y01 FA . -34.96 2.64 2.16
CAA Y01 GA . -0.83 13.85 -10.15
CBA Y01 GA . -0.73 12.80 -9.06
CAB Y01 GA . -1.94 11.88 -9.09
CAN Y01 GA . -0.56 13.44 -7.68
CAJ Y01 GA . -1.70 14.28 -7.20
CAO Y01 GA . -1.44 14.93 -5.86
CBB Y01 GA . -2.54 15.87 -5.36
CAC Y01 GA . -3.79 15.07 -5.00
CBE Y01 GA . -2.00 16.73 -4.18
CAP Y01 GA . -0.56 17.24 -4.45
CAQ Y01 GA . -0.43 18.61 -3.77
CBG Y01 GA . -1.67 18.69 -2.89
CBI Y01 GA . -2.77 18.02 -3.72
CAE Y01 GA . -3.17 18.85 -4.95
CAU Y01 GA . -3.97 17.81 -2.79
CAS Y01 GA . -4.43 19.13 -2.15
CBF Y01 GA . -3.30 19.84 -1.39
CBD Y01 GA . -2.05 20.03 -2.27
CAK Y01 GA . -0.89 20.57 -1.43
CAI Y01 GA . -1.31 21.59 -0.42
CAZ Y01 GA . -2.56 21.90 -0.11
CAV Y01 GA . -2.87 23.00 0.88
CBH Y01 GA . -3.77 21.17 -0.72
CAD Y01 GA . -4.45 22.11 -1.73
CAT Y01 GA . -4.76 20.81 0.43
CAR Y01 GA . -5.04 21.96 1.40
CBC Y01 GA . -3.77 22.50 1.98
OAW Y01 GA . -4.03 23.61 2.89
CAY Y01 GA . -4.76 23.37 4.00
OAG Y01 GA . -5.77 23.95 4.26
CAM Y01 GA . -4.09 22.36 4.90
CAL Y01 GA . -2.73 22.73 5.47
CAX Y01 GA . -2.72 23.92 6.40
OAH Y01 GA . -3.42 23.87 7.44
OAF Y01 GA . -2.00 24.89 6.10
CAA Y01 HA . -23.02 19.81 -17.24
CBA Y01 HA . -23.03 18.54 -16.40
CAB Y01 HA . -24.10 17.58 -16.87
CAN Y01 HA . -23.18 18.87 -14.91
CAJ Y01 HA . -24.50 19.50 -14.52
CAO Y01 HA . -24.56 19.87 -13.07
CBB Y01 HA . -25.92 20.41 -12.58
CAC Y01 HA . -27.00 19.34 -12.74
CBE Y01 HA . -25.78 20.95 -11.14
CAP Y01 HA . -24.49 21.79 -10.95
CAQ Y01 HA . -24.79 22.88 -9.92
CBG Y01 HA . -26.13 22.46 -9.32
CBI Y01 HA . -26.89 21.86 -10.52
CAE Y01 HA . -27.32 22.94 -11.53
CAU Y01 HA . -28.13 21.16 -9.93
CAS Y01 HA . -28.98 22.10 -9.07
CBF Y01 HA . -28.18 22.76 -7.93
CBD Y01 HA . -26.90 23.44 -8.46
CAK Y01 HA . -26.05 23.92 -7.29
CAI Y01 HA . -26.84 24.49 -6.16
CAZ Y01 HA . -28.16 24.43 -6.05
CAV Y01 HA . -28.87 25.11 -4.89
CBH Y01 HA . -29.05 23.68 -7.05
CAD Y01 HA . -29.81 24.73 -7.89
CAT Y01 HA . -30.06 22.81 -6.26
CAR Y01 HA . -30.76 23.54 -5.10
CBC Y01 HA . -29.75 24.13 -4.15
OAW Y01 HA . -30.40 24.86 -3.05
CAY Y01 HA . -31.04 24.16 -2.12
OAG Y01 HA . -32.14 23.73 -2.24
CAM Y01 HA . -30.17 23.92 -0.91
CAL Y01 HA . -30.54 24.63 0.37
CAX Y01 HA . -31.89 24.23 0.97
OAH Y01 HA . -31.89 23.59 2.04
OAF Y01 HA . -32.92 24.60 0.39
CAA Y01 IA . -5.54 16.10 -13.10
CBA Y01 IA . -4.40 16.34 -12.12
CAB Y01 IA . -4.26 15.17 -11.16
CAN Y01 IA . -4.56 17.67 -11.38
CAJ Y01 IA . -5.77 17.77 -10.47
CAO Y01 IA . -5.40 17.87 -9.00
CBB Y01 IA . -6.53 18.28 -8.05
CAC Y01 IA . -6.90 17.12 -7.14
CBE Y01 IA . -6.14 19.57 -7.29
CAP Y01 IA . -5.49 20.62 -8.22
CAQ Y01 IA . -5.93 22.01 -7.74
CBG Y01 IA . -6.48 21.74 -6.34
CBI Y01 IA . -7.22 20.38 -6.49
CAE Y01 IA . -8.50 20.52 -7.34
CAU Y01 IA . -7.56 19.91 -5.07
CAS Y01 IA . -8.35 20.96 -4.29
CBF Y01 IA . -7.65 22.34 -4.23
CBD Y01 IA . -7.25 22.83 -5.62
CAK Y01 IA . -6.40 24.09 -5.51
CAI Y01 IA . -6.87 25.03 -4.45
CAZ Y01 IA . -7.80 24.76 -3.55
CAV Y01 IA . -8.25 25.82 -2.57
CBH Y01 IA . -8.47 23.39 -3.42
CAD Y01 IA . -9.92 23.50 -3.92
CAT Y01 IA . -8.46 22.98 -1.92
CAR Y01 IA . -8.94 24.08 -0.96
CBC Y01 IA . -8.12 25.34 -1.14
OAW Y01 IA . -8.59 26.41 -0.28
CAY Y01 IA . -8.54 26.24 1.04
OAG Y01 IA . -9.48 26.36 1.76
CAM Y01 IA . -7.13 26.00 1.53
CAL Y01 IA . -6.14 27.15 1.35
CAX Y01 IA . -6.52 28.42 2.07
OAH Y01 IA . -6.62 28.39 3.31
OAF Y01 IA . -6.71 29.45 1.38
CAA Y01 JA . 0.12 11.10 -13.03
CBA Y01 JA . 1.01 9.96 -12.57
CAB Y01 JA . 1.37 10.12 -11.09
CAN Y01 JA . 2.27 9.86 -13.44
CAJ Y01 JA . 3.14 11.10 -13.47
CAO Y01 JA . 4.44 10.89 -14.21
CBB Y01 JA . 4.31 10.71 -15.73
CAC Y01 JA . 4.60 12.04 -16.44
CBE Y01 JA . 5.21 9.54 -16.20
CAP Y01 JA . 5.01 8.29 -15.31
CAQ Y01 JA . 5.17 7.04 -16.21
CBG Y01 JA . 5.80 7.63 -17.48
CBI Y01 JA . 5.10 8.99 -17.66
CAE Y01 JA . 3.62 8.83 -18.06
CAU Y01 JA . 5.88 9.73 -18.76
CAS Y01 JA . 5.98 8.92 -20.05
CBF Y01 JA . 6.58 7.53 -19.85
CBD Y01 JA . 5.87 6.75 -18.72
CAK Y01 JA . 6.60 5.45 -18.42
CAI Y01 JA . 7.12 4.77 -19.65
CAZ Y01 JA . 7.14 5.28 -20.86
CAV Y01 JA . 7.64 4.47 -22.04
CBH Y01 JA . 6.70 6.71 -21.17
CAD Y01 JA . 5.35 6.65 -21.91
CAT Y01 JA . 7.77 7.39 -22.07
CAR Y01 JA . 8.22 6.53 -23.25
CBC Y01 JA . 8.72 5.19 -22.79
OAW Y01 JA . 9.09 4.35 -23.93
CAY Y01 JA . 9.83 3.28 -23.70
OAG Y01 JA . 10.81 3.28 -23.01
CAM Y01 JA . 9.25 2.04 -24.33
CAL Y01 JA . 8.91 2.13 -25.81
CAX Y01 JA . 10.10 2.38 -26.72
OAH Y01 JA . 11.05 1.58 -26.68
OAF Y01 JA . 10.07 3.38 -27.48
CAA Y01 KA . -8.79 14.63 -17.90
CBA Y01 KA . -7.87 13.64 -17.20
CAB Y01 KA . -7.77 13.95 -15.71
CAN Y01 KA . -6.48 13.60 -17.85
CAJ Y01 KA . -5.65 12.38 -17.55
CAO Y01 KA . -4.25 12.43 -18.16
CBB Y01 KA . -4.20 12.58 -19.69
CAC Y01 KA . -3.64 13.95 -20.07
CBE Y01 KA . -3.42 11.40 -20.32
CAP Y01 KA . -3.75 10.04 -19.62
CAQ Y01 KA . -3.71 8.96 -20.71
CBG Y01 KA . -3.00 9.64 -21.88
CBI Y01 KA . -3.56 11.08 -21.84
CAE Y01 KA . -5.04 11.16 -22.25
CAU Y01 KA . -2.69 11.91 -22.81
CAS Y01 KA . -2.67 11.30 -24.21
CBF Y01 KA . -2.22 9.84 -24.24
CBD Y01 KA . -3.03 8.98 -23.25
CAK Y01 KA . -2.45 7.57 -23.17
CAI Y01 KA . -2.00 7.04 -24.49
CAZ Y01 KA . -1.90 7.74 -25.62
CAV Y01 KA . -1.48 7.08 -26.90
CBH Y01 KA . -2.18 9.24 -25.68
CAD Y01 KA . -3.52 9.44 -26.41
CAT Y01 KA . -1.05 9.93 -26.46
CAR Y01 KA . -0.68 9.24 -27.78
CBC Y01 KA . -0.31 7.80 -27.55
OAW Y01 KA . -0.02 7.16 -28.81
CAY Y01 KA . 1.07 7.54 -29.48
OAG Y01 KA . 1.05 8.28 -30.42
CAM Y01 KA . 2.32 6.91 -28.93
CAL Y01 KA . 2.37 5.39 -28.97
CAX Y01 KA . 2.30 4.78 -30.36
OAH Y01 KA . 3.21 5.04 -31.15
OAF Y01 KA . 1.33 4.05 -30.63
CAA Y01 LA . -31.03 13.04 -18.59
CBA Y01 LA . -30.31 12.06 -17.68
CAB Y01 LA . -31.22 10.89 -17.32
CAN Y01 LA . -29.79 12.75 -16.41
CAJ Y01 LA . -30.84 13.33 -15.51
CAO Y01 LA . -30.28 13.91 -14.23
CBB Y01 LA . -31.32 14.37 -13.20
CAC Y01 LA . -32.33 13.25 -12.95
CBE Y01 LA . -30.63 14.86 -11.91
CAP Y01 LA . -29.33 15.67 -12.22
CAQ Y01 LA . -29.25 16.81 -11.19
CBG Y01 LA . -30.22 16.38 -10.11
CBI Y01 LA . -31.40 15.77 -10.90
CAE Y01 LA . -32.21 16.83 -11.66
CAU Y01 LA . -32.28 15.05 -9.86
CAS Y01 LA . -32.75 16.01 -8.76
CBF Y01 LA . -31.61 16.74 -8.05
CBD Y01 LA . -30.63 17.40 -9.04
CAK Y01 LA . -29.40 17.92 -8.31
CAI Y01 LA . -29.74 18.56 -7.00
CAZ Y01 LA . -30.96 18.59 -6.46
CAV Y01 LA . -31.23 19.42 -5.23
CBH Y01 LA . -32.11 17.74 -6.97
CAD Y01 LA . -33.19 18.68 -7.54
CAT Y01 LA . -32.69 16.95 -5.78
CAR Y01 LA . -32.99 17.81 -4.55
CBC Y01 LA . -31.78 18.59 -4.10
OAW Y01 LA . -32.17 19.52 -3.05
CAY Y01 LA . -32.38 19.04 -1.83
OAG Y01 LA . -31.86 18.04 -1.41
CAM Y01 LA . -33.36 19.88 -1.05
CAL Y01 LA . -33.56 19.52 0.41
CAX Y01 LA . -32.44 20.00 1.32
OAH Y01 LA . -32.53 19.75 2.54
OAF Y01 LA . -31.50 20.65 0.82
CAA Y01 MA . -26.21 -11.67 -12.66
CBA Y01 MA . -27.70 -11.83 -12.89
CAB Y01 MA . -28.07 -11.37 -14.30
CAN Y01 MA . -28.51 -11.08 -11.84
CAJ Y01 MA . -28.22 -9.62 -11.70
CAO Y01 MA . -29.14 -8.91 -10.74
CBB Y01 MA . -28.81 -9.11 -9.25
CAC Y01 MA . -27.34 -8.79 -8.99
CBE Y01 MA . -29.78 -8.27 -8.37
CAP Y01 MA . -31.24 -8.29 -8.92
CAQ Y01 MA . -32.18 -8.10 -7.72
CBG Y01 MA . -31.25 -7.81 -6.55
CBI Y01 MA . -29.99 -8.63 -6.86
CAE Y01 MA . -30.22 -10.14 -6.72
CAU Y01 MA . -28.90 -8.16 -5.89
CAS Y01 MA . -29.36 -8.31 -4.43
CBF Y01 MA . -30.66 -7.56 -4.13
CBD Y01 MA . -31.78 -7.95 -5.12
CAK Y01 MA . -33.00 -7.06 -4.91
CAI Y01 MA . -33.28 -6.79 -3.47
CAZ Y01 MA . -32.50 -7.16 -2.45
CAV Y01 MA . -32.96 -6.99 -1.02
CBH Y01 MA . -31.10 -7.72 -2.65
CAD Y01 MA . -31.10 -9.19 -2.20
CAT Y01 MA . -30.14 -6.90 -1.75
CAR Y01 MA . -30.59 -6.78 -0.30
CBC Y01 MA . -31.98 -6.18 -0.19
OAW Y01 MA . -32.41 -6.09 1.21
CAY Y01 MA . -33.20 -7.03 1.73
OAG Y01 MA . -34.40 -6.95 1.77
CAM Y01 MA . -32.41 -8.15 2.40
CAL Y01 MA . -32.67 -8.42 3.88
CAX Y01 MA . -33.97 -9.12 4.19
OAH Y01 MA . -35.03 -8.48 4.08
OAF Y01 MA . -33.92 -10.31 4.55
CAA Y01 NA . -7.12 -11.60 -5.59
CBA Y01 NA . -6.51 -13.00 -5.62
CAB Y01 NA . -6.87 -13.71 -6.91
CAN Y01 NA . -6.95 -13.81 -4.40
CAJ Y01 NA . -6.50 -13.26 -3.06
CAO Y01 NA . -7.33 -13.77 -1.90
CBB Y01 NA . -8.49 -12.84 -1.44
CAC Y01 NA . -9.74 -13.13 -2.25
CBE Y01 NA . -8.68 -12.95 0.09
CAP Y01 NA . -7.33 -13.03 0.85
CAQ Y01 NA . -7.52 -12.32 2.20
CBG Y01 NA . -9.04 -12.16 2.30
CBI Y01 NA . -9.48 -11.85 0.86
CAE Y01 NA . -9.00 -10.45 0.40
CAU Y01 NA . -11.01 -11.93 0.83
CAS Y01 NA . -11.66 -11.01 1.87
CBF Y01 NA . -11.15 -11.26 3.30
CBD Y01 NA . -9.62 -11.24 3.38
CAK Y01 NA . -9.15 -11.68 4.76
CAI Y01 NA . -10.00 -11.14 5.87
CAZ Y01 NA . -11.15 -10.50 5.70
CAV Y01 NA . -11.88 -9.91 6.89
CBH Y01 NA . -11.81 -10.33 4.34
CAD Y01 NA . -11.70 -8.85 3.93
CAT Y01 NA . -13.31 -10.71 4.47
CAR Y01 NA . -14.02 -10.08 5.67
CBC Y01 NA . -13.31 -10.41 6.96
OAW Y01 NA . -14.00 -9.73 8.04
CAY Y01 NA . -14.36 -10.44 9.11
OAG Y01 NA . -15.43 -10.97 9.23
CAM Y01 NA . -13.28 -10.44 10.18
CAL Y01 NA . -12.71 -9.11 10.58
CAX Y01 NA . -13.70 -8.14 11.23
OAH Y01 NA . -13.52 -7.82 12.42
OAF Y01 NA . -14.65 -7.70 10.53
CAA Y01 OA . -3.26 -6.72 -6.00
CBA Y01 OA . -3.16 -8.19 -5.62
CAB Y01 OA . -4.35 -8.97 -6.17
CAN Y01 OA . -3.03 -8.37 -4.12
CAJ Y01 OA . -4.15 -7.81 -3.29
CAO Y01 OA . -4.03 -8.12 -1.81
CBB Y01 OA . -5.14 -7.54 -0.94
CAC Y01 OA . -6.48 -8.14 -1.34
CBE Y01 OA . -4.80 -7.74 0.56
CAP Y01 OA . -3.30 -7.41 0.86
CAQ Y01 OA . -3.25 -6.83 2.28
CBG Y01 OA . -4.62 -7.13 2.85
CBI Y01 OA . -5.58 -6.93 1.66
CAE Y01 OA . -5.70 -5.45 1.24
CAU Y01 OA . -6.94 -7.49 2.09
CAS Y01 OA . -7.45 -6.82 3.37
CBF Y01 OA . -6.47 -6.92 4.54
CBD Y01 OA . -5.06 -6.43 4.15
CAK Y01 OA . -4.07 -6.73 5.27
CAI Y01 OA . -4.64 -6.50 6.64
CAZ Y01 OA . -5.92 -6.23 6.90
CAV Y01 OA . -6.37 -5.91 8.31
CBH Y01 OA . -7.00 -6.23 5.83
CAD Y01 OA . -7.42 -4.78 5.56
CAT Y01 OA . -8.21 -7.05 6.35
CAR Y01 OA . -8.66 -6.66 7.75
CBC Y01 OA . -7.53 -6.78 8.74
OAW Y01 OA . -7.98 -6.33 10.04
CAY Y01 OA . -9.02 -6.93 10.60
OAG Y01 OA . -10.13 -6.47 10.63
CAM Y01 OA . -8.64 -8.25 11.21
CAL Y01 OA . -7.77 -8.15 12.44
CAX Y01 OA . -8.38 -7.39 13.60
OAH Y01 OA . -9.44 -7.83 14.10
OAF Y01 OA . -7.83 -6.35 13.99
CAA Y01 PA . -17.79 16.41 -14.52
CBA Y01 PA . -17.63 17.80 -13.95
CAB Y01 PA . -16.25 17.96 -13.32
CAN Y01 PA . -18.73 18.13 -12.95
CAJ Y01 PA . -18.74 19.54 -12.42
CAO Y01 PA . -19.87 19.81 -11.46
CBB Y01 PA . -19.84 21.18 -10.77
CAC Y01 PA . -20.06 22.29 -11.79
CBE Y01 PA . -20.85 21.21 -9.60
CAP Y01 PA . -20.88 19.87 -8.81
CAQ Y01 PA . -21.15 20.21 -7.35
CBG Y01 PA . -21.60 21.66 -7.38
CBI Y01 PA . -20.71 22.29 -8.48
CAE Y01 PA . -19.23 22.41 -8.04
CAU Y01 PA . -21.29 23.69 -8.77
CAS Y01 PA . -21.37 24.54 -7.51
CBF Y01 PA . -22.17 23.88 -6.37
CBD Y01 PA . -21.68 22.44 -6.07
CAK Y01 PA . -22.61 21.75 -5.10
CAI Y01 PA . -23.09 22.66 -3.99
CAZ Y01 PA . -22.90 23.97 -3.96
CAV Y01 PA . -23.36 24.78 -2.76
CBH Y01 PA . -22.25 24.76 -5.09
CAD Y01 PA . -20.85 25.19 -4.61
CAT Y01 PA . -23.11 26.01 -5.40
CAR Y01 PA . -23.52 26.80 -4.16
CBC Y01 PA . -24.25 25.93 -3.17
OAW Y01 PA . -24.57 26.70 -1.97
CAY Y01 PA . -25.34 27.77 -2.10
OAG Y01 PA . -24.99 28.88 -1.82
CAM Y01 PA . -26.75 27.41 -2.53
CAL Y01 PA . -27.53 26.48 -1.62
CAX Y01 PA . -27.72 27.01 -0.20
OAH Y01 PA . -28.34 28.07 -0.04
OAF Y01 PA . -27.26 26.33 0.74
#